data_4TW5
#
_entry.id   4TW5
#
_cell.length_a   40.026
_cell.length_b   133.031
_cell.length_c   124.406
_cell.angle_alpha   90.00
_cell.angle_beta   92.00
_cell.angle_gamma   90.00
#
_symmetry.space_group_name_H-M   'P 1 21 1'
#
loop_
_entity.id
_entity.type
_entity.pdbx_description
1 polymer Eps1p
2 water water
#
_entity_poly.entity_id   1
_entity_poly.type   'polypeptide(L)'
_entity_poly.pdbx_seq_one_letter_code
;HMLDEPPEGFPEPLNPTNFKEELSKGLHIIDFYSPYCPHCKHLAPVWMETWEEFKEESKTLNITFSQVNCIESADLCGDE
NIEYFPEIRLYNPSGYIKSFTETPRTKESLIAFARRESMDPNNLDTDLDSAKSESQYLEGFDFLELIAGKATRPHLVSFW
PTKDMKNSDDSLEFKNCDKCHEFQRTWKIISRQLAVDDINTGHVNCESNPTICEELGFGDLVKITNHRADREPKVALVLP
NKTSNNLFDYPNGYSAKSDGYVDFARRTFTNS
;
_entity_poly.pdbx_strand_id   A,B,C,D
#
# COMPACT_ATOMS: atom_id res chain seq x y z
N PRO A 6 -0.89 62.71 17.07
CA PRO A 6 -1.98 61.99 16.42
C PRO A 6 -1.99 62.21 14.90
N PRO A 7 -2.21 61.13 14.12
CA PRO A 7 -2.27 61.16 12.65
C PRO A 7 -3.34 62.12 12.18
N GLU A 8 -3.25 62.59 10.94
CA GLU A 8 -4.06 63.74 10.52
C GLU A 8 -5.56 63.48 10.56
N GLY A 9 -6.04 62.52 9.78
CA GLY A 9 -7.48 62.32 9.71
C GLY A 9 -8.06 61.43 10.80
N PHE A 10 -7.25 61.07 11.80
CA PHE A 10 -7.64 60.06 12.78
C PHE A 10 -8.97 60.41 13.42
N PRO A 11 -9.97 59.54 13.19
CA PRO A 11 -11.38 59.66 13.58
C PRO A 11 -11.65 59.60 15.07
N GLU A 12 -12.74 60.21 15.48
CA GLU A 12 -13.13 60.11 16.88
C GLU A 12 -13.75 58.77 17.13
N PRO A 13 -13.82 58.37 18.41
CA PRO A 13 -14.47 57.11 18.74
C PRO A 13 -15.89 57.07 18.22
N LEU A 14 -16.41 55.90 17.89
CA LEU A 14 -17.82 55.79 17.56
C LEU A 14 -18.62 55.97 18.85
N ASN A 15 -19.79 56.58 18.75
CA ASN A 15 -20.63 56.82 19.92
C ASN A 15 -22.06 56.40 19.54
N PRO A 16 -23.01 56.42 20.49
CA PRO A 16 -24.36 55.94 20.15
C PRO A 16 -25.04 56.65 18.96
N THR A 17 -24.50 57.78 18.53
CA THR A 17 -25.07 58.48 17.39
C THR A 17 -24.52 57.94 16.08
N ASN A 18 -23.37 57.28 16.15
CA ASN A 18 -22.61 56.83 14.99
C ASN A 18 -22.54 55.35 14.73
N PHE A 19 -22.69 54.58 15.80
CA PHE A 19 -22.26 53.19 15.79
C PHE A 19 -22.96 52.41 14.68
N LYS A 20 -24.28 52.35 14.71
CA LYS A 20 -24.98 51.50 13.78
C LYS A 20 -24.93 52.04 12.35
N GLU A 21 -24.79 53.36 12.21
CA GLU A 21 -24.80 53.94 10.88
C GLU A 21 -23.48 53.67 10.19
N GLU A 22 -22.42 53.74 10.99
CA GLU A 22 -21.09 53.46 10.52
C GLU A 22 -20.82 51.98 10.19
N LEU A 23 -21.35 51.05 10.99
CA LEU A 23 -21.10 49.61 10.74
C LEU A 23 -21.99 49.02 9.64
N SER A 24 -22.95 49.81 9.12
CA SER A 24 -23.87 49.31 8.10
C SER A 24 -23.23 49.11 6.71
N LYS A 25 -21.98 49.51 6.53
CA LYS A 25 -21.25 49.22 5.28
CA LYS A 25 -21.27 49.20 5.28
C LYS A 25 -19.85 48.69 5.55
N GLY A 26 -19.45 47.65 4.83
CA GLY A 26 -18.12 47.09 4.96
C GLY A 26 -17.80 46.47 6.30
N LEU A 27 -16.51 46.22 6.54
CA LEU A 27 -16.01 45.65 7.79
C LEU A 27 -15.45 46.68 8.74
N HIS A 28 -15.61 46.44 10.03
CA HIS A 28 -15.03 47.33 11.03
C HIS A 28 -14.27 46.56 12.07
N ILE A 29 -13.06 47.01 12.35
CA ILE A 29 -12.28 46.46 13.45
C ILE A 29 -12.26 47.48 14.58
N ILE A 30 -12.98 47.20 15.65
CA ILE A 30 -13.19 48.22 16.66
C ILE A 30 -12.47 47.94 17.97
N ASP A 31 -11.82 48.99 18.48
CA ASP A 31 -11.16 48.93 19.78
C ASP A 31 -12.06 49.52 20.86
N PHE A 32 -12.74 48.66 21.60
CA PHE A 32 -13.47 49.09 22.79
C PHE A 32 -12.46 49.27 23.90
N TYR A 33 -12.14 50.54 24.20
CA TYR A 33 -11.05 50.84 25.10
C TYR A 33 -11.56 51.71 26.23
N SER A 34 -10.71 51.88 27.24
CA SER A 34 -11.00 52.77 28.34
C SER A 34 -9.86 53.73 28.66
N PRO A 35 -10.21 55.00 28.92
CA PRO A 35 -9.22 55.99 29.35
C PRO A 35 -8.74 55.64 30.75
N TYR A 36 -9.44 54.72 31.39
CA TYR A 36 -9.07 54.23 32.71
C TYR A 36 -8.47 52.84 32.54
N CYS A 37 -7.36 52.71 31.83
CA CYS A 37 -6.80 51.37 31.69
C CYS A 37 -5.31 51.33 31.40
N PRO A 38 -4.59 50.46 32.14
CA PRO A 38 -3.14 50.26 32.06
C PRO A 38 -2.72 49.97 30.62
N HIS A 39 -3.27 48.88 30.10
CA HIS A 39 -2.89 48.33 28.80
C HIS A 39 -3.50 49.09 27.61
N CYS A 40 -4.51 49.92 27.86
CA CYS A 40 -5.22 50.53 26.73
C CYS A 40 -4.61 51.87 26.33
N LYS A 41 -3.59 52.32 27.05
CA LYS A 41 -2.83 53.49 26.65
C LYS A 41 -1.51 53.01 26.12
N HIS A 42 -1.31 51.71 26.18
CA HIS A 42 -0.18 51.10 25.52
C HIS A 42 -0.61 50.56 24.15
N LEU A 43 -1.91 50.54 23.93
CA LEU A 43 -2.50 50.21 22.62
C LEU A 43 -2.71 51.44 21.73
N ALA A 44 -3.13 52.53 22.36
CA ALA A 44 -3.53 53.76 21.66
C ALA A 44 -2.54 54.28 20.61
N PRO A 45 -1.24 54.37 20.94
CA PRO A 45 -0.35 54.89 19.89
C PRO A 45 -0.11 53.85 18.79
N VAL A 46 -0.20 52.57 19.13
CA VAL A 46 -0.09 51.51 18.14
C VAL A 46 -1.28 51.55 17.19
N TRP A 47 -2.45 51.83 17.75
CA TRP A 47 -3.66 51.90 16.96
C TRP A 47 -3.62 52.98 15.90
N MET A 48 -3.13 54.16 16.29
CA MET A 48 -3.12 55.28 15.37
C MET A 48 -2.11 55.11 14.25
N GLU A 49 -0.98 54.49 14.55
CA GLU A 49 -0.05 54.15 13.48
C GLU A 49 -0.65 53.05 12.60
N THR A 50 -1.39 52.10 13.20
CA THR A 50 -2.06 51.04 12.45
C THR A 50 -2.99 51.70 11.43
N TRP A 51 -3.86 52.54 11.97
CA TRP A 51 -4.80 53.31 11.18
C TRP A 51 -4.12 54.07 10.07
N GLU A 52 -3.00 54.71 10.38
CA GLU A 52 -2.34 55.55 9.41
C GLU A 52 -1.72 54.74 8.29
N GLU A 53 -1.11 53.61 8.64
CA GLU A 53 -0.45 52.81 7.62
C GLU A 53 -1.50 52.06 6.76
N PHE A 54 -2.70 51.90 7.31
CA PHE A 54 -3.76 51.13 6.63
C PHE A 54 -4.67 51.97 5.75
N LYS A 55 -4.41 53.27 5.67
CA LYS A 55 -5.26 54.22 4.99
C LYS A 55 -5.64 53.82 3.56
N GLU A 56 -4.65 53.32 2.81
CA GLU A 56 -4.87 52.97 1.41
C GLU A 56 -5.69 51.69 1.19
N GLU A 57 -5.34 50.64 1.93
CA GLU A 57 -5.95 49.34 1.76
C GLU A 57 -7.38 49.42 2.29
N SER A 58 -7.55 50.29 3.28
CA SER A 58 -8.84 50.56 3.89
C SER A 58 -9.89 50.85 2.85
N LYS A 59 -9.51 51.62 1.84
CA LYS A 59 -10.40 52.03 0.77
C LYS A 59 -10.74 50.83 -0.11
N THR A 60 -9.70 50.10 -0.52
CA THR A 60 -9.82 49.02 -1.48
C THR A 60 -10.35 47.68 -0.92
N LEU A 61 -10.20 47.45 0.39
CA LEU A 61 -10.68 46.23 1.05
C LEU A 61 -12.00 46.43 1.76
N ASN A 62 -12.44 47.67 1.87
CA ASN A 62 -13.70 48.00 2.54
C ASN A 62 -13.63 47.63 4.02
N ILE A 63 -12.51 47.96 4.65
CA ILE A 63 -12.31 47.65 6.06
C ILE A 63 -11.86 48.90 6.79
N THR A 64 -12.48 49.19 7.92
CA THR A 64 -12.16 50.40 8.65
C THR A 64 -11.76 50.10 10.08
N PHE A 65 -10.67 50.71 10.56
CA PHE A 65 -10.37 50.63 11.97
C PHE A 65 -11.07 51.75 12.73
N SER A 66 -11.81 51.38 13.77
CA SER A 66 -12.57 52.33 14.58
C SER A 66 -12.34 52.08 16.07
N GLN A 67 -12.92 52.95 16.89
CA GLN A 67 -12.79 52.89 18.34
C GLN A 67 -14.08 53.27 19.00
N VAL A 68 -14.24 52.81 20.23
CA VAL A 68 -15.33 53.24 21.09
C VAL A 68 -14.78 53.52 22.50
N ASN A 69 -14.87 54.77 22.96
CA ASN A 69 -14.54 55.07 24.35
C ASN A 69 -15.70 54.60 25.22
N CYS A 70 -15.45 53.58 26.05
CA CYS A 70 -16.53 52.95 26.80
C CYS A 70 -16.86 53.71 28.08
N ILE A 71 -16.16 54.81 28.30
CA ILE A 71 -16.48 55.69 29.42
C ILE A 71 -17.47 56.73 28.92
N GLU A 72 -17.23 57.25 27.73
CA GLU A 72 -18.13 58.25 27.16
C GLU A 72 -19.33 57.56 26.50
N SER A 73 -19.24 56.25 26.33
CA SER A 73 -20.33 55.46 25.75
C SER A 73 -20.55 54.17 26.54
N ALA A 74 -20.77 54.32 27.85
CA ALA A 74 -20.86 53.17 28.74
C ALA A 74 -22.02 52.23 28.42
N ASP A 75 -23.16 52.78 28.05
CA ASP A 75 -24.34 51.97 27.72
C ASP A 75 -24.18 51.32 26.35
N LEU A 76 -23.35 51.92 25.51
CA LEU A 76 -23.02 51.32 24.24
C LEU A 76 -22.23 50.03 24.46
N CYS A 77 -21.15 50.12 25.23
CA CYS A 77 -20.33 48.97 25.56
C CYS A 77 -21.08 47.88 26.34
N GLY A 78 -22.09 48.27 27.11
CA GLY A 78 -22.93 47.31 27.79
C GLY A 78 -23.80 46.51 26.83
N ASP A 79 -24.28 47.17 25.79
CA ASP A 79 -25.07 46.52 24.75
C ASP A 79 -24.24 45.53 23.95
N GLU A 80 -22.96 45.86 23.78
CA GLU A 80 -22.05 45.03 22.98
C GLU A 80 -21.39 43.97 23.88
N ASN A 81 -21.75 44.01 25.16
CA ASN A 81 -21.31 43.00 26.12
C ASN A 81 -19.79 42.92 26.28
N ILE A 82 -19.15 44.08 26.35
CA ILE A 82 -17.70 44.14 26.56
C ILE A 82 -17.33 43.51 27.90
N GLU A 83 -16.42 42.53 27.87
CA GLU A 83 -15.99 41.87 29.09
C GLU A 83 -14.68 42.44 29.60
N TYR A 84 -13.75 42.75 28.71
CA TYR A 84 -12.45 43.23 29.14
C TYR A 84 -12.03 44.50 28.42
N PHE A 85 -10.94 45.10 28.92
CA PHE A 85 -10.32 46.27 28.33
C PHE A 85 -8.83 46.02 28.15
N PRO A 86 -8.30 46.32 26.96
CA PRO A 86 -9.10 46.76 25.81
C PRO A 86 -9.65 45.55 25.07
N GLU A 87 -10.71 45.73 24.30
CA GLU A 87 -11.27 44.61 23.54
C GLU A 87 -11.38 44.93 22.07
N ILE A 88 -10.64 44.18 21.25
CA ILE A 88 -10.63 44.39 19.80
C ILE A 88 -11.57 43.43 19.05
N ARG A 89 -12.51 43.98 18.29
CA ARG A 89 -13.57 43.18 17.67
C ARG A 89 -13.79 43.46 16.18
N LEU A 90 -14.26 42.43 15.46
CA LEU A 90 -14.68 42.55 14.07
C LEU A 90 -16.20 42.54 13.91
N TYR A 91 -16.72 43.55 13.23
CA TYR A 91 -18.14 43.62 12.93
C TYR A 91 -18.37 43.65 11.43
N ASN A 92 -19.52 43.16 11.00
CA ASN A 92 -19.96 43.40 9.63
C ASN A 92 -21.32 44.12 9.73
N PRO A 93 -21.97 44.43 8.59
CA PRO A 93 -23.32 45.04 8.69
C PRO A 93 -24.36 44.23 9.48
N SER A 94 -24.21 42.91 9.56
CA SER A 94 -25.10 42.10 10.40
C SER A 94 -24.76 42.13 11.89
N GLY A 95 -23.57 42.62 12.25
CA GLY A 95 -23.23 42.66 13.66
C GLY A 95 -21.91 42.02 13.99
N TYR A 96 -21.76 41.65 15.27
CA TYR A 96 -20.53 41.06 15.77
C TYR A 96 -20.16 39.79 14.98
N ILE A 97 -18.86 39.60 14.76
CA ILE A 97 -18.36 38.41 14.10
C ILE A 97 -17.41 37.64 15.03
N LYS A 98 -16.36 38.30 15.48
CA LYS A 98 -15.33 37.64 16.29
C LYS A 98 -14.43 38.66 16.98
N SER A 99 -13.66 38.21 17.98
CA SER A 99 -12.69 39.09 18.63
C SER A 99 -11.27 38.72 18.26
N PHE A 100 -10.37 39.70 18.29
CA PHE A 100 -8.97 39.48 17.99
C PHE A 100 -8.13 39.50 19.28
N THR A 101 -7.88 38.32 19.82
CA THR A 101 -7.26 38.16 21.13
C THR A 101 -5.76 37.98 21.04
N GLU A 102 -5.27 37.86 19.81
CA GLU A 102 -3.86 37.60 19.58
C GLU A 102 -2.98 38.65 20.24
N THR A 103 -1.90 38.21 20.87
CA THR A 103 -0.94 39.12 21.53
C THR A 103 0.51 38.77 21.15
N PRO A 104 1.41 39.76 21.15
CA PRO A 104 1.17 41.16 21.49
C PRO A 104 0.68 41.96 20.29
N ARG A 105 -0.20 42.93 20.54
CA ARG A 105 -0.79 43.76 19.50
C ARG A 105 0.21 44.73 18.87
N THR A 106 0.55 44.48 17.61
CA THR A 106 1.37 45.41 16.86
C THR A 106 0.68 45.90 15.61
N LYS A 107 1.31 46.86 14.95
CA LYS A 107 0.84 47.40 13.68
C LYS A 107 0.83 46.28 12.66
N GLU A 108 1.86 45.44 12.73
CA GLU A 108 1.97 44.29 11.86
C GLU A 108 0.79 43.31 12.10
N SER A 109 0.51 43.01 13.37
CA SER A 109 -0.51 42.00 13.67
C SER A 109 -1.93 42.47 13.32
N LEU A 110 -2.20 43.76 13.51
CA LEU A 110 -3.53 44.28 13.21
C LEU A 110 -3.72 44.38 11.71
N ILE A 111 -2.71 44.86 11.00
CA ILE A 111 -2.79 44.89 9.54
C ILE A 111 -3.02 43.49 8.96
N ALA A 112 -2.27 42.51 9.43
CA ALA A 112 -2.35 41.14 8.92
C ALA A 112 -3.76 40.60 9.14
N PHE A 113 -4.29 40.85 10.32
CA PHE A 113 -5.64 40.47 10.68
C PHE A 113 -6.70 41.10 9.79
N ALA A 114 -6.57 42.38 9.47
CA ALA A 114 -7.53 42.95 8.56
C ALA A 114 -7.41 42.29 7.17
N ARG A 115 -6.19 42.14 6.67
CA ARG A 115 -6.00 41.47 5.38
C ARG A 115 -6.52 40.02 5.39
N ARG A 116 -6.28 39.31 6.48
CA ARG A 116 -6.73 37.94 6.63
C ARG A 116 -8.28 37.87 6.51
N GLU A 117 -8.95 38.75 7.22
CA GLU A 117 -10.39 38.79 7.27
C GLU A 117 -11.07 39.24 5.99
N SER A 118 -10.39 40.02 5.18
CA SER A 118 -10.96 40.46 3.91
C SER A 118 -11.07 39.27 2.95
N MET A 119 -10.31 38.22 3.18
CA MET A 119 -10.35 37.08 2.27
C MET A 119 -11.27 35.98 2.73
N ASP A 120 -11.97 36.20 3.82
CA ASP A 120 -13.06 35.34 4.23
C ASP A 120 -14.35 35.80 3.53
N PRO A 121 -14.83 35.01 2.54
CA PRO A 121 -15.97 35.40 1.72
C PRO A 121 -17.23 35.58 2.53
N ASN A 122 -17.31 34.91 3.68
CA ASN A 122 -18.52 34.97 4.50
C ASN A 122 -18.68 36.32 5.22
N ASN A 123 -17.58 37.09 5.32
CA ASN A 123 -17.61 38.34 6.07
C ASN A 123 -18.37 39.41 5.31
N LEU A 124 -18.17 39.48 4.01
CA LEU A 124 -18.96 40.42 3.21
C LEU A 124 -19.79 39.68 2.18
N ASP A 125 -19.96 38.38 2.38
CA ASP A 125 -20.65 37.50 1.45
C ASP A 125 -20.24 37.83 0.03
N THR A 126 -18.93 37.78 -0.21
CA THR A 126 -18.37 37.92 -1.55
C THR A 126 -18.20 36.54 -2.15
N ASP A 127 -17.83 36.49 -3.42
CA ASP A 127 -17.87 35.24 -4.17
C ASP A 127 -16.52 34.59 -4.30
N LEU A 128 -16.35 33.48 -3.60
CA LEU A 128 -15.09 32.73 -3.55
C LEU A 128 -14.66 32.17 -4.90
N ASP A 129 -15.62 31.89 -5.78
CA ASP A 129 -15.34 31.36 -7.13
C ASP A 129 -14.52 32.31 -8.01
N SER A 130 -14.54 33.59 -7.70
CA SER A 130 -13.78 34.56 -8.49
C SER A 130 -12.30 34.43 -8.22
N ALA A 131 -11.95 33.82 -7.09
CA ALA A 131 -10.55 33.73 -6.71
C ALA A 131 -9.98 32.34 -6.94
N LYS A 132 -8.68 32.30 -7.18
CA LYS A 132 -7.93 31.06 -7.30
C LYS A 132 -7.67 30.48 -5.91
N SER A 133 -7.54 29.17 -5.82
CA SER A 133 -7.03 28.57 -4.59
C SER A 133 -5.52 28.72 -4.60
N GLU A 134 -4.94 29.12 -3.47
CA GLU A 134 -3.49 29.21 -3.37
C GLU A 134 -2.86 27.84 -3.06
N SER A 135 -3.69 26.84 -2.73
CA SER A 135 -3.23 25.53 -2.32
C SER A 135 -2.42 24.84 -3.42
N GLN A 136 -1.22 24.38 -3.12
CA GLN A 136 -0.37 23.78 -4.16
C GLN A 136 -0.46 22.25 -4.25
N TYR A 137 -0.48 21.77 -5.48
CA TYR A 137 -0.50 20.35 -5.75
C TYR A 137 0.80 19.74 -5.35
N LEU A 138 0.77 18.83 -4.39
CA LEU A 138 1.99 18.18 -3.96
C LEU A 138 1.94 16.71 -4.30
N GLU A 139 2.88 16.29 -5.15
CA GLU A 139 3.12 14.87 -5.35
C GLU A 139 3.87 14.36 -4.14
N GLY A 140 3.92 13.04 -3.99
CA GLY A 140 4.54 12.43 -2.83
C GLY A 140 5.95 12.91 -2.60
N PHE A 141 6.72 12.93 -3.68
CA PHE A 141 8.09 13.38 -3.66
C PHE A 141 8.20 14.83 -3.16
N ASP A 142 7.31 15.69 -3.61
CA ASP A 142 7.27 17.09 -3.18
C ASP A 142 7.07 17.17 -1.68
N PHE A 143 6.14 16.36 -1.20
CA PHE A 143 5.81 16.37 0.21
C PHE A 143 6.97 15.86 1.07
N LEU A 144 7.74 14.91 0.52
CA LEU A 144 8.86 14.32 1.21
C LEU A 144 10.03 15.32 1.23
N GLU A 145 10.20 16.06 0.15
CA GLU A 145 11.18 17.13 0.15
C GLU A 145 10.87 18.11 1.27
N LEU A 146 9.59 18.51 1.40
CA LEU A 146 9.22 19.42 2.46
C LEU A 146 9.61 18.90 3.83
N ILE A 147 9.42 17.59 3.99
CA ILE A 147 9.59 16.98 5.30
C ILE A 147 11.06 16.65 5.57
N ALA A 148 11.86 16.58 4.51
CA ALA A 148 13.31 16.40 4.66
C ALA A 148 14.00 17.71 5.10
N GLY A 149 13.21 18.78 5.21
CA GLY A 149 13.73 20.03 5.73
C GLY A 149 13.93 21.05 4.64
N LYS A 150 13.30 20.82 3.49
CA LYS A 150 13.51 21.68 2.34
C LYS A 150 12.53 22.85 2.20
N ALA A 151 11.49 22.88 3.03
CA ALA A 151 10.61 24.05 3.09
C ALA A 151 11.28 25.32 3.65
N THR A 152 11.09 26.44 2.97
CA THR A 152 11.62 27.72 3.43
C THR A 152 10.52 28.55 4.08
N ARG A 153 9.27 28.12 3.93
CA ARG A 153 8.18 28.75 4.68
C ARG A 153 7.39 27.59 5.28
N PRO A 154 6.60 27.84 6.34
CA PRO A 154 5.73 26.78 6.82
C PRO A 154 4.69 26.39 5.73
N HIS A 155 4.21 25.13 5.72
CA HIS A 155 3.22 24.60 4.75
C HIS A 155 2.12 23.92 5.54
N LEU A 156 0.91 24.47 5.49
CA LEU A 156 -0.23 23.73 5.96
C LEU A 156 -0.59 22.81 4.82
N VAL A 157 -0.62 21.51 5.09
CA VAL A 157 -0.93 20.55 4.06
C VAL A 157 -2.17 19.72 4.41
N SER A 158 -3.03 19.60 3.40
CA SER A 158 -4.27 18.84 3.49
C SER A 158 -4.15 17.55 2.67
N PHE A 159 -4.76 16.50 3.18
CA PHE A 159 -4.71 15.15 2.60
C PHE A 159 -6.13 14.66 2.27
N TRP A 160 -6.30 14.12 1.06
CA TRP A 160 -7.67 13.84 0.54
C TRP A 160 -7.85 12.42 0.05
N PRO A 161 -9.05 11.84 0.27
CA PRO A 161 -9.35 10.52 -0.28
C PRO A 161 -9.73 10.61 -1.75
N THR A 162 -8.73 10.86 -2.59
CA THR A 162 -8.96 11.02 -4.02
C THR A 162 -7.64 10.89 -4.74
N LYS A 163 -7.68 10.82 -6.06
CA LYS A 163 -6.45 10.84 -6.85
C LYS A 163 -6.55 11.93 -7.93
N ASP A 164 -7.70 12.59 -7.99
CA ASP A 164 -7.98 13.48 -9.11
C ASP A 164 -7.92 14.97 -8.79
N MET A 165 -7.45 15.33 -7.60
CA MET A 165 -7.45 16.74 -7.25
C MET A 165 -6.19 17.41 -7.79
N LYS A 166 -6.36 18.26 -8.81
CA LYS A 166 -5.23 19.03 -9.31
C LYS A 166 -5.21 20.40 -8.64
N ASN A 167 -6.34 21.10 -8.69
CA ASN A 167 -6.54 22.28 -7.85
C ASN A 167 -7.45 21.94 -6.72
N SER A 168 -7.22 22.51 -5.55
CA SER A 168 -7.97 22.05 -4.39
C SER A 168 -9.49 22.30 -4.55
N ASP A 169 -9.87 23.14 -5.51
CA ASP A 169 -11.28 23.43 -5.71
C ASP A 169 -11.86 22.82 -7.01
N ASP A 170 -11.17 21.85 -7.59
CA ASP A 170 -11.74 21.15 -8.74
C ASP A 170 -13.06 20.50 -8.34
N SER A 171 -13.96 20.32 -9.31
CA SER A 171 -15.21 19.62 -9.06
C SER A 171 -14.91 18.14 -8.91
N LEU A 172 -15.21 17.58 -7.75
CA LEU A 172 -14.82 16.20 -7.49
C LEU A 172 -15.93 15.45 -6.77
N GLU A 173 -16.01 14.14 -7.01
CA GLU A 173 -16.94 13.30 -6.26
C GLU A 173 -16.16 12.45 -5.29
N PHE A 174 -16.35 12.71 -4.01
CA PHE A 174 -15.64 11.97 -2.96
C PHE A 174 -16.48 10.78 -2.44
N LYS A 175 -15.87 9.59 -2.42
CA LYS A 175 -16.53 8.40 -1.91
C LYS A 175 -16.38 8.26 -0.38
N ASN A 176 -17.48 7.93 0.30
CA ASN A 176 -17.49 7.76 1.75
C ASN A 176 -16.80 8.93 2.50
N CYS A 177 -17.08 10.14 2.04
CA CYS A 177 -16.57 11.34 2.68
C CYS A 177 -17.60 12.43 2.64
N ASP A 178 -18.48 12.44 3.63
CA ASP A 178 -19.56 13.41 3.72
C ASP A 178 -19.08 14.85 3.79
N LYS A 179 -17.93 15.06 4.43
CA LYS A 179 -17.45 16.41 4.70
C LYS A 179 -16.51 16.96 3.63
N CYS A 180 -16.05 16.13 2.70
CA CYS A 180 -15.05 16.53 1.73
C CYS A 180 -15.42 17.78 0.91
N HIS A 181 -16.67 17.86 0.45
CA HIS A 181 -17.12 18.99 -0.35
CA HIS A 181 -17.13 18.99 -0.34
C HIS A 181 -17.18 20.28 0.46
N GLU A 182 -17.73 20.20 1.67
CA GLU A 182 -17.74 21.33 2.58
C GLU A 182 -16.29 21.81 2.79
N PHE A 183 -15.39 20.86 2.97
CA PHE A 183 -14.03 21.24 3.31
C PHE A 183 -13.27 21.82 2.13
N GLN A 184 -13.74 21.60 0.89
CA GLN A 184 -13.05 22.27 -0.23
C GLN A 184 -13.20 23.79 -0.14
N ARG A 185 -14.36 24.23 0.32
CA ARG A 185 -14.59 25.64 0.49
C ARG A 185 -13.69 26.15 1.60
N THR A 186 -13.71 25.42 2.71
CA THR A 186 -12.90 25.72 3.87
C THR A 186 -11.43 25.75 3.52
N TRP A 187 -10.95 24.76 2.76
CA TRP A 187 -9.55 24.69 2.43
C TRP A 187 -9.08 25.85 1.53
N LYS A 188 -9.92 26.25 0.59
CA LYS A 188 -9.64 27.37 -0.27
C LYS A 188 -9.54 28.67 0.54
N ILE A 189 -10.46 28.88 1.48
CA ILE A 189 -10.45 30.08 2.29
C ILE A 189 -9.16 30.11 3.16
N ILE A 190 -8.86 28.99 3.80
CA ILE A 190 -7.63 28.79 4.55
C ILE A 190 -6.40 29.09 3.72
N SER A 191 -6.38 28.66 2.46
CA SER A 191 -5.18 28.87 1.65
C SER A 191 -4.96 30.35 1.39
N ARG A 192 -6.04 31.09 1.16
CA ARG A 192 -5.90 32.50 0.85
C ARG A 192 -5.57 33.30 2.11
N GLN A 193 -6.15 32.97 3.24
CA GLN A 193 -5.85 33.69 4.47
C GLN A 193 -4.39 33.48 4.90
N LEU A 194 -3.88 32.26 4.75
CA LEU A 194 -2.52 31.95 5.14
C LEU A 194 -1.52 32.56 4.18
N ALA A 195 -1.95 32.84 2.96
CA ALA A 195 -1.08 33.47 2.00
C ALA A 195 -0.62 34.89 2.43
N VAL A 196 -1.47 35.60 3.19
CA VAL A 196 -1.13 36.93 3.73
C VAL A 196 0.05 36.80 4.68
N ASP A 197 0.07 35.70 5.42
CA ASP A 197 1.16 35.50 6.38
C ASP A 197 2.30 34.75 5.75
N ASP A 198 2.26 34.63 4.44
CA ASP A 198 3.32 33.98 3.70
C ASP A 198 3.56 32.55 4.24
N ILE A 199 2.47 31.90 4.63
CA ILE A 199 2.44 30.47 4.95
C ILE A 199 1.86 29.73 3.73
N ASN A 200 2.59 28.73 3.25
CA ASN A 200 2.13 28.01 2.08
C ASN A 200 1.06 26.96 2.46
N THR A 201 0.25 26.59 1.46
CA THR A 201 -0.69 25.47 1.58
C THR A 201 -0.50 24.48 0.45
N GLY A 202 -0.77 23.21 0.73
CA GLY A 202 -0.64 22.13 -0.24
C GLY A 202 -1.74 21.06 -0.06
N HIS A 203 -2.03 20.32 -1.13
CA HIS A 203 -2.97 19.23 -1.06
C HIS A 203 -2.37 17.96 -1.64
N VAL A 204 -2.67 16.85 -0.97
CA VAL A 204 -2.14 15.54 -1.35
C VAL A 204 -3.29 14.59 -1.69
N ASN A 205 -3.16 13.92 -2.84
CA ASN A 205 -4.06 12.86 -3.25
C ASN A 205 -3.60 11.55 -2.63
N CYS A 206 -4.24 11.14 -1.54
CA CYS A 206 -3.82 9.92 -0.87
C CYS A 206 -4.00 8.64 -1.67
N GLU A 207 -4.93 8.61 -2.62
CA GLU A 207 -5.08 7.42 -3.45
C GLU A 207 -3.86 7.21 -4.35
N SER A 208 -3.20 8.31 -4.74
CA SER A 208 -2.00 8.29 -5.58
C SER A 208 -0.72 8.21 -4.77
N ASN A 209 -0.84 8.34 -3.45
CA ASN A 209 0.34 8.32 -2.57
C ASN A 209 0.13 7.40 -1.37
N PRO A 210 -0.16 6.11 -1.63
CA PRO A 210 -0.60 5.24 -0.55
C PRO A 210 0.44 5.06 0.56
N THR A 211 1.69 4.82 0.19
CA THR A 211 2.68 4.49 1.21
C THR A 211 2.91 5.69 2.13
N ILE A 212 3.03 6.86 1.54
CA ILE A 212 3.17 8.07 2.34
C ILE A 212 1.98 8.31 3.27
N CYS A 213 0.76 8.21 2.74
CA CYS A 213 -0.41 8.44 3.58
C CYS A 213 -0.61 7.35 4.67
N GLU A 214 -0.18 6.14 4.38
CA GLU A 214 -0.26 5.07 5.37
C GLU A 214 0.73 5.33 6.50
N GLU A 215 1.96 5.67 6.13
CA GLU A 215 3.00 5.92 7.11
C GLU A 215 2.69 7.10 8.02
N LEU A 216 2.05 8.13 7.47
CA LEU A 216 1.70 9.36 8.18
C LEU A 216 0.47 9.22 9.07
N GLY A 217 -0.21 8.08 8.97
CA GLY A 217 -1.44 7.93 9.73
C GLY A 217 -2.68 8.41 9.04
N PHE A 218 -2.66 8.51 7.70
CA PHE A 218 -3.86 8.87 6.94
C PHE A 218 -4.33 7.71 6.04
N GLY A 219 -4.00 6.50 6.47
CA GLY A 219 -4.22 5.30 5.70
C GLY A 219 -5.67 5.07 5.32
N ASP A 220 -6.59 5.64 6.09
CA ASP A 220 -8.01 5.49 5.85
C ASP A 220 -8.47 6.28 4.59
N LEU A 221 -7.64 7.20 4.11
CA LEU A 221 -7.95 7.97 2.91
C LEU A 221 -7.46 7.28 1.64
N VAL A 222 -6.62 6.27 1.79
CA VAL A 222 -6.00 5.63 0.63
C VAL A 222 -7.01 4.80 -0.14
N LYS A 223 -7.91 4.13 0.58
CA LYS A 223 -8.74 3.07 0.00
C LYS A 223 -10.18 3.06 0.53
N ILE A 224 -11.11 2.68 -0.33
CA ILE A 224 -12.48 2.36 0.06
C ILE A 224 -12.50 1.13 0.99
N THR A 225 -13.17 1.20 2.14
CA THR A 225 -13.47 -0.02 2.93
C THR A 225 -14.90 0.10 3.47
N ASN A 226 -15.64 -0.99 3.60
CA ASN A 226 -17.02 -0.85 4.09
C ASN A 226 -17.19 -0.96 5.62
N HIS A 227 -16.08 -1.10 6.34
CA HIS A 227 -16.08 -1.01 7.81
C HIS A 227 -16.12 0.43 8.29
N ARG A 228 -15.37 1.34 7.66
CA ARG A 228 -15.54 2.73 8.03
C ARG A 228 -16.55 3.36 7.09
N ALA A 229 -17.63 3.85 7.69
CA ALA A 229 -18.73 4.49 6.98
C ALA A 229 -18.26 5.75 6.27
N ASP A 230 -17.41 6.48 6.96
CA ASP A 230 -17.10 7.85 6.61
C ASP A 230 -15.66 8.18 6.95
N ARG A 231 -15.07 9.01 6.11
CA ARG A 231 -13.71 9.50 6.25
C ARG A 231 -13.74 11.02 6.14
N GLU A 232 -12.69 11.65 6.64
CA GLU A 232 -12.54 13.10 6.61
C GLU A 232 -11.21 13.47 6.04
N PRO A 233 -11.11 14.64 5.41
CA PRO A 233 -9.79 15.10 4.96
C PRO A 233 -8.92 15.40 6.18
N LYS A 234 -7.62 15.22 6.06
CA LYS A 234 -6.74 15.51 7.19
C LYS A 234 -5.86 16.70 6.88
N VAL A 235 -5.42 17.39 7.94
CA VAL A 235 -4.55 18.55 7.84
C VAL A 235 -3.36 18.41 8.79
N ALA A 236 -2.16 18.73 8.30
CA ALA A 236 -0.93 18.73 9.10
C ALA A 236 -0.01 19.92 8.78
N LEU A 237 0.75 20.39 9.76
CA LEU A 237 1.69 21.51 9.51
C LEU A 237 3.11 21.00 9.33
N VAL A 238 3.80 21.53 8.32
CA VAL A 238 5.21 21.29 8.09
C VAL A 238 6.06 22.53 8.44
N LEU A 239 6.97 22.38 9.37
CA LEU A 239 7.86 23.47 9.77
C LEU A 239 9.03 23.57 8.82
N PRO A 240 9.39 24.80 8.44
CA PRO A 240 10.45 25.04 7.46
C PRO A 240 11.86 24.82 8.03
N ASN A 241 12.76 24.35 7.18
CA ASN A 241 14.16 24.27 7.53
C ASN A 241 14.48 23.43 8.79
N LYS A 242 13.60 22.50 9.15
CA LYS A 242 13.85 21.49 10.20
C LYS A 242 13.88 20.10 9.58
N THR A 243 14.82 19.28 10.01
CA THR A 243 15.00 17.96 9.44
C THR A 243 14.28 16.83 10.23
N SER A 244 13.71 17.17 11.38
CA SER A 244 13.10 16.21 12.26
C SER A 244 12.05 16.95 13.05
N ASN A 245 11.08 16.21 13.57
CA ASN A 245 9.96 16.73 14.36
C ASN A 245 9.40 18.04 13.77
N ASN A 246 9.16 18.01 12.47
CA ASN A 246 8.76 19.18 11.71
C ASN A 246 7.34 19.02 11.17
N LEU A 247 6.71 17.92 11.57
CA LEU A 247 5.39 17.53 11.11
C LEU A 247 4.43 17.48 12.28
N PHE A 248 3.40 18.32 12.28
CA PHE A 248 2.43 18.37 13.38
C PHE A 248 0.96 18.30 12.87
N ASP A 249 0.24 17.22 13.22
CA ASP A 249 -1.19 17.09 12.86
C ASP A 249 -2.06 18.16 13.50
N TYR A 250 -3.09 18.57 12.77
CA TYR A 250 -4.08 19.47 13.33
C TYR A 250 -4.71 18.84 14.58
N PRO A 251 -4.64 19.55 15.73
CA PRO A 251 -5.02 18.99 17.03
C PRO A 251 -6.50 19.00 17.34
N ASN A 252 -7.21 20.01 16.89
CA ASN A 252 -8.63 20.12 17.24
C ASN A 252 -9.51 19.28 16.32
N GLY A 253 -10.82 19.38 16.48
CA GLY A 253 -11.70 18.55 15.68
C GLY A 253 -11.94 19.13 14.29
N TYR A 254 -12.71 18.42 13.48
CA TYR A 254 -13.15 18.95 12.20
C TYR A 254 -13.88 20.27 12.44
N SER A 255 -13.73 21.19 11.51
CA SER A 255 -14.51 22.42 11.55
C SER A 255 -14.91 22.88 10.15
N ALA A 256 -16.06 23.52 10.02
CA ALA A 256 -16.40 24.18 8.75
C ALA A 256 -15.77 25.58 8.71
N LYS A 257 -15.30 26.05 9.86
CA LYS A 257 -14.67 27.35 9.91
C LYS A 257 -13.19 27.27 9.63
N SER A 258 -12.66 28.30 8.97
CA SER A 258 -11.25 28.31 8.60
C SER A 258 -10.34 28.68 9.79
N ASP A 259 -10.93 29.27 10.82
CA ASP A 259 -10.16 30.00 11.83
C ASP A 259 -9.20 29.11 12.62
N GLY A 260 -9.71 27.97 13.07
CA GLY A 260 -8.91 27.03 13.84
C GLY A 260 -7.67 26.60 13.09
N TYR A 261 -7.83 26.28 11.80
CA TYR A 261 -6.73 25.87 10.97
C TYR A 261 -5.69 27.00 10.72
N VAL A 262 -6.16 28.22 10.50
CA VAL A 262 -5.26 29.35 10.24
C VAL A 262 -4.39 29.60 11.46
N ASP A 263 -5.02 29.68 12.62
CA ASP A 263 -4.32 29.95 13.88
C ASP A 263 -3.39 28.81 14.26
N PHE A 264 -3.73 27.58 13.92
CA PHE A 264 -2.81 26.47 14.15
C PHE A 264 -1.57 26.65 13.29
N ALA A 265 -1.77 26.98 12.03
CA ALA A 265 -0.67 27.14 11.09
C ALA A 265 0.26 28.29 11.50
N ARG A 266 -0.24 29.17 12.35
CA ARG A 266 0.48 30.38 12.72
C ARG A 266 1.13 30.29 14.10
N ARG A 267 0.92 29.19 14.80
CA ARG A 267 1.52 29.00 16.12
C ARG A 267 3.04 28.92 16.04
N THR A 268 3.71 29.54 17.03
CA THR A 268 5.15 29.40 17.24
C THR A 268 5.39 28.05 17.92
N PHE A 269 6.24 27.21 17.35
CA PHE A 269 6.55 25.93 17.99
C PHE A 269 8.00 25.88 18.48
N PRO B 6 4.84 -42.23 -34.34
CA PRO B 6 5.75 -41.16 -33.94
C PRO B 6 5.31 -39.81 -34.47
N PRO B 7 5.35 -38.76 -33.63
CA PRO B 7 5.06 -37.37 -34.00
C PRO B 7 5.99 -36.91 -35.13
N GLU B 8 5.64 -35.85 -35.88
CA GLU B 8 6.32 -35.58 -37.14
C GLU B 8 7.82 -35.31 -37.07
N GLY B 9 8.23 -34.30 -36.31
CA GLY B 9 9.65 -33.96 -36.30
C GLY B 9 10.46 -34.80 -35.34
N PHE B 10 9.84 -35.84 -34.79
CA PHE B 10 10.43 -36.61 -33.69
C PHE B 10 11.83 -37.15 -34.01
N PRO B 11 12.83 -36.69 -33.24
CA PRO B 11 14.24 -37.06 -33.43
C PRO B 11 14.50 -38.53 -33.17
N GLU B 12 15.53 -39.06 -33.82
CA GLU B 12 15.95 -40.43 -33.60
C GLU B 12 16.71 -40.39 -32.29
N PRO B 13 16.93 -41.55 -31.64
CA PRO B 13 17.75 -41.53 -30.43
C PRO B 13 19.12 -40.95 -30.71
N LEU B 14 19.75 -40.35 -29.71
CA LEU B 14 21.13 -39.92 -29.88
C LEU B 14 22.04 -41.16 -29.87
N ASN B 15 23.18 -41.05 -30.54
CA ASN B 15 24.15 -42.13 -30.63
C ASN B 15 25.55 -41.58 -30.35
N PRO B 16 26.60 -42.43 -30.30
CA PRO B 16 27.91 -41.87 -29.96
C PRO B 16 28.48 -40.77 -30.88
N THR B 17 27.94 -40.59 -32.08
CA THR B 17 28.48 -39.58 -32.99
C THR B 17 27.87 -38.19 -32.78
N ASN B 18 26.69 -38.12 -32.17
CA ASN B 18 26.02 -36.84 -32.01
C ASN B 18 25.88 -36.45 -30.53
N PHE B 19 26.12 -37.42 -29.64
CA PHE B 19 25.77 -37.29 -28.24
C PHE B 19 26.42 -36.11 -27.46
N LYS B 20 27.74 -36.03 -27.38
CA LYS B 20 28.27 -35.01 -26.48
C LYS B 20 28.22 -33.60 -27.10
N GLU B 21 28.20 -33.52 -28.42
CA GLU B 21 28.12 -32.23 -29.07
C GLU B 21 26.67 -31.72 -28.99
N GLU B 22 25.71 -32.65 -28.97
CA GLU B 22 24.33 -32.23 -28.75
C GLU B 22 24.11 -31.68 -27.33
N LEU B 23 24.70 -32.31 -26.31
CA LEU B 23 24.51 -31.85 -24.93
C LEU B 23 25.40 -30.63 -24.62
N SER B 24 26.22 -30.23 -25.57
CA SER B 24 27.16 -29.14 -25.35
C SER B 24 26.46 -27.78 -25.20
N LYS B 25 25.17 -27.71 -25.49
CA LYS B 25 24.43 -26.47 -25.26
C LYS B 25 23.06 -26.75 -24.67
N GLY B 26 22.63 -25.84 -23.80
CA GLY B 26 21.33 -25.94 -23.14
C GLY B 26 21.19 -27.11 -22.18
N LEU B 27 19.97 -27.35 -21.75
CA LEU B 27 19.64 -28.48 -20.87
C LEU B 27 19.02 -29.59 -21.69
N HIS B 28 19.31 -30.82 -21.28
CA HIS B 28 18.78 -32.02 -21.90
C HIS B 28 18.20 -33.00 -20.89
N ILE B 29 16.99 -33.46 -21.18
CA ILE B 29 16.35 -34.50 -20.41
C ILE B 29 16.33 -35.80 -21.22
N ILE B 30 17.19 -36.74 -20.84
CA ILE B 30 17.42 -37.92 -21.69
C ILE B 30 16.85 -39.23 -21.10
N ASP B 31 16.12 -39.97 -21.91
CA ASP B 31 15.57 -41.27 -21.55
C ASP B 31 16.45 -42.42 -22.05
N PHE B 32 17.30 -42.94 -21.17
CA PHE B 32 18.13 -44.11 -21.48
C PHE B 32 17.30 -45.38 -21.41
N TYR B 33 16.98 -45.96 -22.56
CA TYR B 33 16.05 -47.09 -22.58
C TYR B 33 16.59 -48.33 -23.28
N SER B 34 15.84 -49.41 -23.14
CA SER B 34 16.08 -50.67 -23.85
C SER B 34 14.79 -51.09 -24.54
N PRO B 35 14.89 -51.53 -25.81
CA PRO B 35 13.71 -51.92 -26.59
C PRO B 35 13.00 -53.21 -26.11
N TYR B 36 13.67 -53.96 -25.24
CA TYR B 36 13.11 -55.17 -24.66
C TYR B 36 12.84 -54.94 -23.19
N CYS B 37 11.90 -54.06 -22.89
CA CYS B 37 11.63 -53.72 -21.51
C CYS B 37 10.19 -53.30 -21.30
N PRO B 38 9.54 -53.88 -20.29
CA PRO B 38 8.13 -53.55 -20.03
C PRO B 38 7.92 -52.05 -19.85
N HIS B 39 8.60 -51.51 -18.84
CA HIS B 39 8.37 -50.15 -18.44
C HIS B 39 8.93 -49.17 -19.47
N CYS B 40 9.82 -49.65 -20.34
CA CYS B 40 10.50 -48.72 -21.25
C CYS B 40 9.74 -48.59 -22.57
N LYS B 41 8.70 -49.41 -22.75
CA LYS B 41 7.87 -49.19 -23.93
C LYS B 41 6.45 -48.69 -23.52
N HIS B 42 6.12 -48.66 -22.22
CA HIS B 42 4.93 -47.85 -21.88
C HIS B 42 5.41 -46.44 -21.46
N LEU B 43 6.73 -46.21 -21.50
CA LEU B 43 7.19 -44.81 -21.42
C LEU B 43 7.22 -44.18 -22.83
N ALA B 44 7.57 -44.99 -23.83
CA ALA B 44 7.79 -44.52 -25.20
C ALA B 44 6.67 -43.62 -25.77
N PRO B 45 5.39 -44.01 -25.64
CA PRO B 45 4.42 -43.09 -26.24
C PRO B 45 4.19 -41.81 -25.42
N VAL B 46 4.36 -41.92 -24.10
CA VAL B 46 4.27 -40.75 -23.22
C VAL B 46 5.42 -39.80 -23.55
N TRP B 47 6.59 -40.38 -23.85
CA TRP B 47 7.73 -39.59 -24.25
C TRP B 47 7.40 -38.83 -25.55
N MET B 48 6.75 -39.50 -26.50
CA MET B 48 6.36 -38.86 -27.75
C MET B 48 5.24 -37.82 -27.56
N GLU B 49 4.33 -38.07 -26.62
CA GLU B 49 3.32 -37.08 -26.29
C GLU B 49 3.95 -35.82 -25.74
N THR B 50 4.91 -36.01 -24.83
CA THR B 50 5.62 -34.94 -24.17
C THR B 50 6.41 -34.05 -25.13
N TRP B 51 7.27 -34.70 -25.90
CA TRP B 51 8.12 -34.02 -26.86
C TRP B 51 7.29 -33.11 -27.75
N GLU B 52 6.18 -33.62 -28.24
CA GLU B 52 5.36 -32.86 -29.17
C GLU B 52 4.65 -31.69 -28.47
N GLU B 53 4.22 -31.93 -27.23
CA GLU B 53 3.58 -30.90 -26.42
C GLU B 53 4.55 -29.83 -25.96
N PHE B 54 5.83 -30.19 -25.87
CA PHE B 54 6.86 -29.31 -25.35
C PHE B 54 7.60 -28.53 -26.43
N LYS B 55 7.23 -28.76 -27.68
CA LYS B 55 7.96 -28.20 -28.81
C LYS B 55 8.11 -26.71 -28.70
N GLU B 56 7.04 -26.03 -28.32
CA GLU B 56 7.07 -24.58 -28.27
C GLU B 56 7.96 -24.11 -27.12
N GLU B 57 7.80 -24.73 -25.95
CA GLU B 57 8.59 -24.34 -24.77
C GLU B 57 10.07 -24.71 -24.88
N SER B 58 10.36 -25.82 -25.57
CA SER B 58 11.72 -26.28 -25.79
C SER B 58 12.65 -25.19 -26.37
N LYS B 59 12.10 -24.37 -27.26
CA LYS B 59 12.86 -23.32 -27.91
C LYS B 59 13.20 -22.19 -26.93
N THR B 60 12.19 -21.69 -26.24
CA THR B 60 12.40 -20.54 -25.36
C THR B 60 13.05 -20.89 -24.03
N LEU B 61 12.91 -22.14 -23.57
CA LEU B 61 13.53 -22.51 -22.29
C LEU B 61 14.88 -23.18 -22.52
N ASN B 62 15.17 -23.54 -23.77
CA ASN B 62 16.44 -24.18 -24.11
C ASN B 62 16.62 -25.55 -23.40
N ILE B 63 15.54 -26.32 -23.43
CA ILE B 63 15.52 -27.66 -22.83
C ILE B 63 15.03 -28.64 -23.86
N THR B 64 15.77 -29.75 -23.99
CA THR B 64 15.49 -30.73 -25.02
C THR B 64 15.25 -32.10 -24.41
N PHE B 65 14.18 -32.77 -24.87
CA PHE B 65 13.96 -34.17 -24.58
C PHE B 65 14.65 -35.01 -25.65
N SER B 66 15.52 -35.90 -25.20
CA SER B 66 16.28 -36.73 -26.12
C SER B 66 16.22 -38.18 -25.65
N GLN B 67 16.74 -39.09 -26.48
CA GLN B 67 16.73 -40.51 -26.13
C GLN B 67 18.03 -41.19 -26.49
N VAL B 68 18.34 -42.23 -25.74
CA VAL B 68 19.50 -43.07 -26.02
C VAL B 68 19.14 -44.55 -25.94
N ASN B 69 19.25 -45.24 -27.06
CA ASN B 69 19.08 -46.69 -27.07
C ASN B 69 20.33 -47.36 -26.51
N CYS B 70 20.20 -48.00 -25.35
CA CYS B 70 21.37 -48.53 -24.66
C CYS B 70 21.84 -49.88 -25.19
N ILE B 71 21.16 -50.43 -26.19
CA ILE B 71 21.67 -51.62 -26.84
C ILE B 71 22.49 -51.27 -28.09
N GLU B 72 22.00 -50.34 -28.88
CA GLU B 72 22.67 -49.92 -30.11
C GLU B 72 23.78 -48.89 -29.84
N SER B 73 23.79 -48.35 -28.62
CA SER B 73 24.87 -47.45 -28.20
C SER B 73 25.26 -47.87 -26.79
N ALA B 74 25.57 -49.16 -26.68
CA ALA B 74 25.86 -49.79 -25.39
C ALA B 74 27.10 -49.20 -24.71
N ASP B 75 28.11 -48.82 -25.49
CA ASP B 75 29.32 -48.28 -24.89
C ASP B 75 29.03 -46.87 -24.36
N LEU B 76 28.06 -46.21 -24.97
CA LEU B 76 27.61 -44.90 -24.49
C LEU B 76 26.93 -44.98 -23.14
N CYS B 77 25.91 -45.85 -23.02
CA CYS B 77 25.21 -46.05 -21.76
C CYS B 77 26.15 -46.55 -20.67
N GLY B 78 27.17 -47.29 -21.08
CA GLY B 78 28.19 -47.78 -20.17
C GLY B 78 29.08 -46.67 -19.66
N ASP B 79 29.40 -45.72 -20.53
CA ASP B 79 30.20 -44.57 -20.15
C ASP B 79 29.44 -43.71 -19.12
N GLU B 80 28.11 -43.67 -19.27
CA GLU B 80 27.29 -42.87 -18.37
C GLU B 80 26.80 -43.66 -17.15
N ASN B 81 27.14 -44.95 -17.10
CA ASN B 81 26.85 -45.80 -15.95
C ASN B 81 25.37 -45.89 -15.64
N ILE B 82 24.59 -46.12 -16.69
CA ILE B 82 23.16 -46.37 -16.57
C ILE B 82 22.98 -47.60 -15.69
N GLU B 83 22.12 -47.51 -14.68
CA GLU B 83 21.91 -48.64 -13.77
C GLU B 83 20.66 -49.44 -14.15
N TYR B 84 19.59 -48.73 -14.45
CA TYR B 84 18.32 -49.38 -14.73
C TYR B 84 17.74 -48.83 -16.00
N PHE B 85 16.63 -49.42 -16.40
CA PHE B 85 15.87 -49.01 -17.56
C PHE B 85 14.44 -48.82 -17.10
N PRO B 86 13.79 -47.72 -17.49
CA PRO B 86 14.45 -46.62 -18.17
C PRO B 86 15.03 -45.67 -17.13
N GLU B 87 16.01 -44.88 -17.52
CA GLU B 87 16.58 -43.91 -16.61
C GLU B 87 16.53 -42.52 -17.22
N ILE B 88 15.77 -41.64 -16.57
CA ILE B 88 15.62 -40.27 -17.04
C ILE B 88 16.63 -39.36 -16.32
N ARG B 89 17.45 -38.67 -17.09
CA ARG B 89 18.52 -37.90 -16.51
C ARG B 89 18.52 -36.47 -17.06
N LEU B 90 18.93 -35.53 -16.21
CA LEU B 90 19.09 -34.14 -16.61
C LEU B 90 20.56 -33.88 -16.79
N TYR B 91 20.93 -33.38 -17.96
CA TYR B 91 22.31 -32.98 -18.25
C TYR B 91 22.36 -31.49 -18.60
N ASN B 92 23.50 -30.86 -18.30
CA ASN B 92 23.80 -29.52 -18.81
C ASN B 92 25.06 -29.66 -19.64
N PRO B 93 25.57 -28.56 -20.25
CA PRO B 93 26.84 -28.73 -20.99
C PRO B 93 27.97 -29.32 -20.16
N SER B 94 27.91 -29.09 -18.86
CA SER B 94 28.95 -29.56 -17.96
C SER B 94 28.84 -31.05 -17.67
N GLY B 95 27.68 -31.64 -17.95
CA GLY B 95 27.48 -33.05 -17.71
C GLY B 95 26.24 -33.36 -16.90
N TYR B 96 26.20 -34.56 -16.35
CA TYR B 96 25.07 -35.07 -15.57
C TYR B 96 24.71 -34.17 -14.37
N ILE B 97 23.42 -34.07 -14.07
CA ILE B 97 22.97 -33.28 -12.93
C ILE B 97 22.20 -34.11 -11.90
N LYS B 98 21.13 -34.78 -12.35
CA LYS B 98 20.27 -35.55 -11.47
C LYS B 98 19.36 -36.48 -12.26
N SER B 99 18.75 -37.41 -11.56
CA SER B 99 17.77 -38.30 -12.16
C SER B 99 16.37 -37.90 -11.72
N PHE B 100 15.40 -38.24 -12.56
CA PHE B 100 13.99 -37.99 -12.29
C PHE B 100 13.29 -39.29 -11.91
N THR B 101 13.15 -39.56 -10.61
CA THR B 101 12.64 -40.86 -10.18
C THR B 101 11.13 -40.87 -9.93
N GLU B 102 10.51 -39.70 -9.98
CA GLU B 102 9.08 -39.58 -9.69
C GLU B 102 8.24 -40.49 -10.59
N THR B 103 7.26 -41.12 -9.96
CA THR B 103 6.30 -41.96 -10.64
C THR B 103 4.92 -41.53 -10.14
N PRO B 104 3.89 -41.64 -11.00
CA PRO B 104 4.00 -42.15 -12.36
C PRO B 104 4.39 -41.08 -13.38
N ARG B 105 5.19 -41.50 -14.36
CA ARG B 105 5.64 -40.62 -15.43
C ARG B 105 4.50 -40.30 -16.39
N THR B 106 4.03 -39.06 -16.39
CA THR B 106 3.03 -38.61 -17.36
C THR B 106 3.59 -37.43 -18.17
N LYS B 107 2.85 -36.98 -19.18
CA LYS B 107 3.32 -35.84 -19.94
C LYS B 107 3.40 -34.62 -19.04
N GLU B 108 2.43 -34.46 -18.15
CA GLU B 108 2.43 -33.36 -17.18
C GLU B 108 3.65 -33.37 -16.26
N SER B 109 4.00 -34.53 -15.71
CA SER B 109 5.11 -34.58 -14.76
C SER B 109 6.42 -34.25 -15.45
N LEU B 110 6.55 -34.66 -16.71
CA LEU B 110 7.77 -34.41 -17.46
C LEU B 110 7.88 -32.94 -17.83
N ILE B 111 6.76 -32.36 -18.27
CA ILE B 111 6.72 -30.93 -18.57
C ILE B 111 7.05 -30.13 -17.31
N ALA B 112 6.41 -30.50 -16.20
CA ALA B 112 6.58 -29.76 -14.96
C ALA B 112 8.04 -29.77 -14.55
N PHE B 113 8.66 -30.95 -14.70
CA PHE B 113 10.04 -31.16 -14.34
C PHE B 113 11.00 -30.24 -15.09
N ALA B 114 10.81 -30.10 -16.40
CA ALA B 114 11.66 -29.21 -17.17
C ALA B 114 11.45 -27.76 -16.78
N ARG B 115 10.19 -27.36 -16.66
CA ARG B 115 9.84 -26.02 -16.23
C ARG B 115 10.40 -25.79 -14.85
N ARG B 116 10.27 -26.78 -13.98
CA ARG B 116 10.86 -26.65 -12.65
C ARG B 116 12.36 -26.43 -12.75
N GLU B 117 13.03 -27.28 -13.53
CA GLU B 117 14.47 -27.20 -13.67
C GLU B 117 14.96 -25.98 -14.45
N SER B 118 14.11 -25.41 -15.30
CA SER B 118 14.54 -24.24 -16.04
C SER B 118 14.74 -23.05 -15.10
N MET B 119 14.11 -23.08 -13.94
CA MET B 119 14.20 -21.97 -13.00
C MET B 119 15.21 -22.19 -11.87
N ASP B 120 15.89 -23.32 -11.90
CA ASP B 120 17.04 -23.48 -11.07
C ASP B 120 18.19 -22.78 -11.78
N PRO B 121 18.68 -21.68 -11.18
CA PRO B 121 19.72 -20.82 -11.77
C PRO B 121 21.02 -21.57 -11.99
N ASN B 122 21.27 -22.59 -11.17
CA ASN B 122 22.50 -23.36 -11.23
C ASN B 122 22.58 -24.30 -12.42
N ASN B 123 21.44 -24.57 -13.07
CA ASN B 123 21.46 -25.53 -14.15
C ASN B 123 22.19 -24.99 -15.39
N LEU B 124 21.86 -23.77 -15.80
CA LEU B 124 22.54 -23.09 -16.92
C LEU B 124 23.22 -21.80 -16.51
N ASP B 125 23.53 -21.69 -15.22
CA ASP B 125 24.15 -20.50 -14.61
C ASP B 125 23.56 -19.19 -15.08
N THR B 126 22.25 -19.03 -14.95
CA THR B 126 21.63 -17.76 -15.27
C THR B 126 21.62 -16.98 -13.97
N ASP B 127 21.32 -15.69 -13.99
CA ASP B 127 21.46 -14.98 -12.72
C ASP B 127 20.11 -14.63 -12.11
N LEU B 128 19.92 -15.17 -10.92
CA LEU B 128 18.68 -15.10 -10.15
C LEU B 128 18.25 -13.67 -9.85
N ASP B 129 19.20 -12.74 -9.79
CA ASP B 129 18.93 -11.35 -9.45
C ASP B 129 17.95 -10.69 -10.42
N SER B 130 17.91 -11.21 -11.64
CA SER B 130 17.03 -10.72 -12.70
C SER B 130 15.55 -11.11 -12.51
N ALA B 131 15.31 -12.08 -11.64
CA ALA B 131 13.98 -12.61 -11.46
C ALA B 131 13.29 -12.07 -10.23
N LYS B 132 11.96 -12.00 -10.28
CA LYS B 132 11.16 -11.67 -9.10
C LYS B 132 11.09 -12.90 -8.19
N SER B 133 11.02 -12.67 -6.88
CA SER B 133 10.69 -13.76 -5.98
C SER B 133 9.19 -14.00 -6.03
N GLU B 134 8.77 -15.26 -6.11
CA GLU B 134 7.34 -15.52 -6.09
C GLU B 134 6.77 -15.53 -4.66
N SER B 135 7.66 -15.59 -3.66
CA SER B 135 7.27 -15.64 -2.25
C SER B 135 6.49 -14.40 -1.85
N GLN B 136 5.29 -14.59 -1.32
CA GLN B 136 4.49 -13.43 -0.97
C GLN B 136 4.64 -13.03 0.50
N TYR B 137 4.69 -11.72 0.74
CA TYR B 137 4.80 -11.16 2.07
C TYR B 137 3.56 -11.49 2.89
N LEU B 138 3.74 -12.21 4.01
CA LEU B 138 2.61 -12.51 4.90
C LEU B 138 2.84 -11.87 6.27
N GLU B 139 1.91 -11.01 6.65
CA GLU B 139 1.77 -10.52 8.01
C GLU B 139 0.96 -11.51 8.82
N GLY B 140 0.90 -11.28 10.13
CA GLY B 140 0.24 -12.22 11.00
C GLY B 140 -1.17 -12.60 10.60
N PHE B 141 -1.97 -11.60 10.29
CA PHE B 141 -3.35 -11.83 9.87
C PHE B 141 -3.39 -12.61 8.54
N ASP B 142 -2.52 -12.30 7.58
CA ASP B 142 -2.49 -13.09 6.34
C ASP B 142 -2.22 -14.57 6.62
N PHE B 143 -1.25 -14.83 7.49
CA PHE B 143 -0.87 -16.20 7.77
C PHE B 143 -1.99 -16.94 8.51
N LEU B 144 -2.71 -16.25 9.41
CA LEU B 144 -3.74 -16.91 10.20
C LEU B 144 -4.95 -17.21 9.31
N GLU B 145 -5.22 -16.33 8.35
CA GLU B 145 -6.25 -16.60 7.35
C GLU B 145 -5.91 -17.89 6.61
N LEU B 146 -4.67 -18.04 6.17
CA LEU B 146 -4.29 -19.27 5.47
C LEU B 146 -4.56 -20.48 6.35
N ILE B 147 -4.25 -20.37 7.64
CA ILE B 147 -4.32 -21.54 8.51
C ILE B 147 -5.75 -21.80 9.01
N ALA B 148 -6.60 -20.78 8.93
CA ALA B 148 -8.03 -20.95 9.21
C ALA B 148 -8.73 -21.65 8.07
N GLY B 149 -8.01 -21.88 6.98
CA GLY B 149 -8.50 -22.67 5.88
C GLY B 149 -8.86 -21.89 4.64
N LYS B 150 -8.39 -20.65 4.56
CA LYS B 150 -8.76 -19.79 3.44
C LYS B 150 -7.80 -19.88 2.25
N ALA B 151 -6.69 -20.61 2.40
CA ALA B 151 -5.83 -20.93 1.27
C ALA B 151 -6.56 -21.87 0.28
N THR B 152 -6.46 -21.59 -1.01
CA THR B 152 -7.04 -22.42 -2.07
C THR B 152 -6.01 -23.24 -2.84
N ARG B 153 -4.75 -22.97 -2.59
CA ARG B 153 -3.63 -23.77 -3.08
C ARG B 153 -2.73 -24.01 -1.87
N PRO B 154 -1.84 -25.02 -1.94
CA PRO B 154 -0.90 -25.12 -0.81
C PRO B 154 0.04 -23.88 -0.78
N HIS B 155 0.52 -23.57 0.42
CA HIS B 155 1.45 -22.47 0.65
C HIS B 155 2.62 -23.01 1.41
N LEU B 156 3.80 -23.05 0.81
CA LEU B 156 5.01 -23.29 1.57
C LEU B 156 5.42 -21.95 2.18
N VAL B 157 5.57 -21.93 3.50
CA VAL B 157 5.88 -20.68 4.18
C VAL B 157 7.22 -20.74 4.92
N SER B 158 7.98 -19.65 4.74
CA SER B 158 9.25 -19.47 5.41
C SER B 158 9.08 -18.47 6.56
N PHE B 159 9.74 -18.74 7.67
CA PHE B 159 9.66 -17.89 8.88
C PHE B 159 11.08 -17.41 9.24
N TRP B 160 11.25 -16.10 9.47
CA TRP B 160 12.59 -15.48 9.55
C TRP B 160 12.80 -14.64 10.82
N PRO B 161 14.05 -14.63 11.33
CA PRO B 161 14.33 -13.76 12.49
C PRO B 161 14.64 -12.33 12.03
N THR B 162 13.62 -11.59 11.63
CA THR B 162 13.80 -10.21 11.17
C THR B 162 12.45 -9.48 11.16
N LYS B 163 12.44 -8.18 10.95
CA LYS B 163 11.19 -7.47 10.79
C LYS B 163 11.20 -6.66 9.47
N ASP B 164 12.30 -6.73 8.73
CA ASP B 164 12.52 -5.83 7.60
C ASP B 164 12.36 -6.47 6.20
N MET B 165 11.86 -7.71 6.13
CA MET B 165 11.76 -8.41 4.85
C MET B 165 10.43 -8.13 4.14
N LYS B 166 10.44 -7.31 3.09
CA LYS B 166 9.20 -7.10 2.33
C LYS B 166 9.22 -8.04 1.13
N ASN B 167 10.32 -8.03 0.39
CA ASN B 167 10.57 -9.05 -0.60
C ASN B 167 11.53 -10.03 0.00
N SER B 168 11.34 -11.31 -0.30
CA SER B 168 12.13 -12.34 0.37
C SER B 168 13.63 -12.25 0.05
N ASP B 169 13.95 -11.51 -1.01
CA ASP B 169 15.34 -11.36 -1.44
C ASP B 169 15.92 -9.95 -1.25
N ASP B 170 15.28 -9.12 -0.43
CA ASP B 170 15.79 -7.78 -0.07
C ASP B 170 17.17 -7.88 0.60
N SER B 171 17.96 -6.81 0.55
CA SER B 171 19.25 -6.82 1.24
C SER B 171 19.03 -6.66 2.72
N LEU B 172 19.45 -7.66 3.49
CA LEU B 172 19.17 -7.67 4.92
C LEU B 172 20.37 -8.14 5.70
N GLU B 173 20.48 -7.62 6.91
CA GLU B 173 21.51 -8.06 7.84
C GLU B 173 20.85 -8.85 8.93
N PHE B 174 21.07 -10.15 8.94
CA PHE B 174 20.43 -11.00 9.94
C PHE B 174 21.32 -11.16 11.19
N LYS B 175 20.72 -10.98 12.36
CA LYS B 175 21.44 -11.18 13.62
C LYS B 175 21.35 -12.63 14.08
N ASN B 176 22.48 -13.16 14.52
CA ASN B 176 22.58 -14.51 15.03
C ASN B 176 21.92 -15.60 14.16
N CYS B 177 22.10 -15.46 12.86
CA CYS B 177 21.59 -16.41 11.89
C CYS B 177 22.57 -16.52 10.74
N ASP B 178 23.54 -17.41 10.89
CA ASP B 178 24.56 -17.62 9.87
C ASP B 178 24.01 -18.10 8.50
N LYS B 179 22.91 -18.84 8.48
CA LYS B 179 22.45 -19.43 7.23
C LYS B 179 21.46 -18.56 6.45
N CYS B 180 20.93 -17.52 7.09
CA CYS B 180 19.84 -16.72 6.53
C CYS B 180 20.11 -16.12 5.16
N HIS B 181 21.30 -15.55 4.97
CA HIS B 181 21.67 -14.95 3.69
CA HIS B 181 21.66 -14.95 3.69
C HIS B 181 21.69 -16.02 2.61
N GLU B 182 22.35 -17.13 2.90
CA GLU B 182 22.38 -18.29 2.03
C GLU B 182 20.96 -18.77 1.74
N PHE B 183 20.10 -18.87 2.77
CA PHE B 183 18.75 -19.44 2.59
C PHE B 183 17.83 -18.53 1.78
N GLN B 184 18.20 -17.25 1.67
CA GLN B 184 17.46 -16.33 0.86
C GLN B 184 17.52 -16.68 -0.63
N ARG B 185 18.69 -17.16 -1.07
CA ARG B 185 18.83 -17.60 -2.45
C ARG B 185 18.01 -18.85 -2.65
N THR B 186 18.18 -19.79 -1.72
CA THR B 186 17.48 -21.05 -1.75
C THR B 186 16.00 -20.82 -1.79
N TRP B 187 15.52 -19.93 -0.92
CA TRP B 187 14.10 -19.68 -0.84
C TRP B 187 13.53 -19.09 -2.11
N LYS B 188 14.30 -18.19 -2.73
CA LYS B 188 13.91 -17.56 -3.99
C LYS B 188 13.80 -18.59 -5.09
N ILE B 189 14.77 -19.49 -5.16
CA ILE B 189 14.76 -20.53 -6.18
C ILE B 189 13.54 -21.43 -5.91
N ILE B 190 13.31 -21.78 -4.65
CA ILE B 190 12.11 -22.55 -4.25
C ILE B 190 10.80 -21.91 -4.68
N SER B 191 10.68 -20.61 -4.47
CA SER B 191 9.42 -19.93 -4.77
C SER B 191 9.12 -19.99 -6.26
N ARG B 192 10.17 -19.92 -7.06
CA ARG B 192 10.00 -19.90 -8.49
C ARG B 192 9.76 -21.33 -9.00
N GLN B 193 10.46 -22.32 -8.44
CA GLN B 193 10.18 -23.70 -8.86
C GLN B 193 8.77 -24.16 -8.47
N LEU B 194 8.31 -23.80 -7.26
CA LEU B 194 6.98 -24.24 -6.83
C LEU B 194 5.87 -23.52 -7.58
N ALA B 195 6.18 -22.32 -8.07
CA ALA B 195 5.21 -21.54 -8.83
C ALA B 195 4.82 -22.28 -10.11
N VAL B 196 5.73 -23.11 -10.63
CA VAL B 196 5.46 -23.95 -11.80
C VAL B 196 4.32 -24.95 -11.50
N ASP B 197 4.30 -25.48 -10.28
CA ASP B 197 3.25 -26.41 -9.86
C ASP B 197 2.08 -25.71 -9.22
N ASP B 198 2.01 -24.38 -9.36
CA ASP B 198 0.89 -23.64 -8.81
C ASP B 198 0.78 -23.85 -7.29
N ILE B 199 1.93 -24.01 -6.64
CA ILE B 199 2.02 -23.98 -5.19
C ILE B 199 2.54 -22.60 -4.75
N ASN B 200 1.82 -21.93 -3.85
CA ASN B 200 2.28 -20.61 -3.39
C ASN B 200 3.38 -20.73 -2.35
N THR B 201 4.21 -19.70 -2.26
CA THR B 201 5.19 -19.57 -1.20
C THR B 201 5.03 -18.22 -0.51
N GLY B 202 5.36 -18.19 0.77
CA GLY B 202 5.25 -16.98 1.56
C GLY B 202 6.34 -16.86 2.60
N HIS B 203 6.61 -15.64 3.03
CA HIS B 203 7.60 -15.40 4.07
C HIS B 203 6.97 -14.58 5.21
N VAL B 204 7.40 -14.88 6.44
CA VAL B 204 6.90 -14.20 7.64
C VAL B 204 8.02 -13.57 8.48
N ASN B 205 7.87 -12.29 8.85
CA ASN B 205 8.81 -11.65 9.77
C ASN B 205 8.43 -11.96 11.21
N CYS B 206 9.11 -12.91 11.82
CA CYS B 206 8.76 -13.26 13.19
C CYS B 206 9.03 -12.15 14.20
N GLU B 207 9.98 -11.28 13.93
CA GLU B 207 10.16 -10.16 14.87
C GLU B 207 8.90 -9.30 14.91
N SER B 208 8.15 -9.24 13.80
CA SER B 208 6.91 -8.47 13.71
C SER B 208 5.69 -9.25 14.16
N ASN B 209 5.86 -10.54 14.41
CA ASN B 209 4.74 -11.38 14.79
C ASN B 209 5.10 -12.24 15.99
N PRO B 210 5.45 -11.58 17.11
CA PRO B 210 6.06 -12.35 18.20
C PRO B 210 5.13 -13.44 18.77
N THR B 211 3.90 -13.11 19.11
CA THR B 211 3.02 -14.08 19.75
C THR B 211 2.62 -15.19 18.78
N ILE B 212 2.29 -14.83 17.54
CA ILE B 212 1.95 -15.85 16.54
C ILE B 212 3.10 -16.85 16.35
N CYS B 213 4.31 -16.34 16.17
CA CYS B 213 5.48 -17.20 15.99
C CYS B 213 5.88 -17.97 17.26
N GLU B 214 5.65 -17.36 18.42
CA GLU B 214 5.93 -18.06 19.67
C GLU B 214 5.01 -19.27 19.79
N GLU B 215 3.72 -19.06 19.54
CA GLU B 215 2.74 -20.13 19.65
C GLU B 215 2.99 -21.25 18.66
N LEU B 216 3.53 -20.88 17.49
CA LEU B 216 3.83 -21.83 16.41
C LEU B 216 5.11 -22.62 16.64
N GLY B 217 5.89 -22.28 17.65
CA GLY B 217 7.15 -22.95 17.84
C GLY B 217 8.31 -22.31 17.08
N PHE B 218 8.16 -21.03 16.75
CA PHE B 218 9.28 -20.32 16.14
C PHE B 218 9.76 -19.18 17.01
N GLY B 219 9.55 -19.34 18.33
CA GLY B 219 9.87 -18.32 19.30
C GLY B 219 11.34 -17.94 19.34
N ASP B 220 12.20 -18.83 18.88
CA ASP B 220 13.63 -18.55 18.90
C ASP B 220 13.98 -17.53 17.83
N LEU B 221 13.09 -17.38 16.84
CA LEU B 221 13.32 -16.39 15.78
C LEU B 221 12.74 -15.03 16.14
N VAL B 222 11.91 -14.98 17.16
CA VAL B 222 11.18 -13.77 17.47
C VAL B 222 12.07 -12.69 18.03
N LYS B 223 13.05 -13.09 18.83
CA LYS B 223 13.81 -12.17 19.65
C LYS B 223 15.29 -12.55 19.76
N ILE B 224 16.16 -11.55 19.82
CA ILE B 224 17.55 -11.79 20.19
C ILE B 224 17.70 -12.26 21.63
N THR B 225 18.44 -13.36 21.81
CA THR B 225 18.82 -13.86 23.14
C THR B 225 20.28 -14.31 23.15
N ASN B 226 20.90 -14.24 24.32
CA ASN B 226 22.31 -14.56 24.42
C ASN B 226 22.57 -16.03 24.77
N HIS B 227 21.50 -16.77 25.00
CA HIS B 227 21.55 -18.20 25.26
C HIS B 227 21.80 -18.95 23.97
N ARG B 228 21.12 -18.52 22.91
CA ARG B 228 21.31 -19.13 21.60
C ARG B 228 22.31 -18.40 20.71
N ALA B 229 23.37 -19.11 20.33
CA ALA B 229 24.41 -18.61 19.46
C ALA B 229 23.86 -18.31 18.07
N ASP B 230 23.03 -19.22 17.58
CA ASP B 230 22.64 -19.20 16.18
C ASP B 230 21.22 -19.73 16.00
N ARG B 231 20.53 -19.14 15.04
CA ARG B 231 19.18 -19.49 14.66
C ARG B 231 19.14 -19.70 13.16
N GLU B 232 18.14 -20.41 12.67
CA GLU B 232 18.00 -20.62 11.24
C GLU B 232 16.53 -20.37 10.88
N PRO B 233 16.24 -20.05 9.61
CA PRO B 233 14.84 -19.86 9.19
C PRO B 233 14.06 -21.18 9.21
N LYS B 234 12.77 -21.13 9.49
CA LYS B 234 12.00 -22.37 9.54
C LYS B 234 11.07 -22.42 8.35
N VAL B 235 10.70 -23.64 7.98
CA VAL B 235 9.80 -23.90 6.84
C VAL B 235 8.59 -24.77 7.23
N ALA B 236 7.41 -24.33 6.82
CA ALA B 236 6.19 -25.08 7.09
C ALA B 236 5.25 -25.11 5.90
N LEU B 237 4.50 -26.21 5.77
CA LEU B 237 3.51 -26.30 4.70
C LEU B 237 2.07 -26.12 5.19
N VAL B 238 1.33 -25.28 4.48
CA VAL B 238 -0.09 -25.12 4.76
C VAL B 238 -0.93 -25.77 3.66
N LEU B 239 -1.76 -26.73 4.05
CA LEU B 239 -2.65 -27.38 3.11
C LEU B 239 -3.90 -26.54 2.91
N PRO B 240 -4.37 -26.49 1.65
CA PRO B 240 -5.52 -25.68 1.23
C PRO B 240 -6.84 -26.29 1.67
N ASN B 241 -7.83 -25.44 1.91
CA ASN B 241 -9.22 -25.84 2.14
C ASN B 241 -9.43 -26.78 3.34
N LYS B 242 -8.48 -26.83 4.28
CA LYS B 242 -8.65 -27.62 5.50
C LYS B 242 -8.72 -26.68 6.68
N THR B 243 -9.59 -26.96 7.64
CA THR B 243 -9.73 -26.04 8.76
C THR B 243 -8.94 -26.45 10.00
N SER B 244 -8.36 -27.65 9.96
CA SER B 244 -7.63 -28.28 11.07
C SER B 244 -6.56 -29.17 10.51
N ASN B 245 -5.51 -29.42 11.29
CA ASN B 245 -4.41 -30.29 10.85
C ASN B 245 -3.94 -29.98 9.44
N ASN B 246 -3.68 -28.70 9.21
CA ASN B 246 -3.31 -28.19 7.91
C ASN B 246 -1.89 -27.64 7.87
N LEU B 247 -1.17 -27.76 8.99
CA LEU B 247 0.18 -27.19 9.12
C LEU B 247 1.25 -28.24 9.43
N PHE B 248 2.24 -28.35 8.54
CA PHE B 248 3.27 -29.37 8.67
C PHE B 248 4.66 -28.76 8.54
N ASP B 249 5.46 -28.83 9.61
CA ASP B 249 6.85 -28.36 9.59
C ASP B 249 7.68 -29.14 8.60
N TYR B 250 8.64 -28.48 7.96
CA TYR B 250 9.61 -29.22 7.15
C TYR B 250 10.43 -30.19 8.02
N PRO B 251 10.38 -31.50 7.71
CA PRO B 251 10.90 -32.60 8.55
C PRO B 251 12.40 -32.85 8.44
N ASN B 252 12.97 -32.65 7.26
CA ASN B 252 14.37 -32.97 7.07
C ASN B 252 15.26 -31.83 7.57
N GLY B 253 16.56 -31.95 7.41
CA GLY B 253 17.44 -30.93 7.94
C GLY B 253 17.55 -29.71 7.04
N TYR B 254 18.30 -28.71 7.49
CA TYR B 254 18.65 -27.58 6.66
C TYR B 254 19.44 -28.05 5.43
N SER B 255 19.16 -27.45 4.28
CA SER B 255 19.90 -27.71 3.04
C SER B 255 20.08 -26.43 2.24
N ALA B 256 21.18 -26.32 1.53
CA ALA B 256 21.35 -25.20 0.61
C ALA B 256 20.63 -25.51 -0.70
N LYS B 257 20.21 -26.76 -0.86
CA LYS B 257 19.47 -27.20 -2.05
C LYS B 257 17.98 -26.94 -1.92
N SER B 258 17.37 -26.53 -3.02
CA SER B 258 15.97 -26.22 -2.99
C SER B 258 15.07 -27.46 -3.07
N ASP B 259 15.58 -28.57 -3.61
CA ASP B 259 14.71 -29.71 -3.99
C ASP B 259 14.01 -30.45 -2.84
N GLY B 260 14.72 -30.75 -1.75
CA GLY B 260 14.08 -31.39 -0.61
C GLY B 260 12.91 -30.51 -0.17
N TYR B 261 13.12 -29.21 -0.14
CA TYR B 261 12.04 -28.30 0.22
C TYR B 261 10.90 -28.35 -0.81
N VAL B 262 11.22 -28.41 -2.11
CA VAL B 262 10.17 -28.49 -3.17
C VAL B 262 9.36 -29.77 -3.13
N ASP B 263 10.06 -30.90 -3.02
CA ASP B 263 9.44 -32.21 -3.01
C ASP B 263 8.54 -32.39 -1.79
N PHE B 264 8.92 -31.76 -0.68
CA PHE B 264 8.08 -31.79 0.52
C PHE B 264 6.79 -31.05 0.22
N ALA B 265 6.93 -29.88 -0.37
CA ALA B 265 5.77 -29.05 -0.69
C ALA B 265 4.85 -29.70 -1.74
N ARG B 266 5.34 -30.72 -2.44
CA ARG B 266 4.58 -31.34 -3.55
C ARG B 266 3.90 -32.67 -3.20
N ARG B 267 4.07 -33.14 -1.98
CA ARG B 267 3.51 -34.43 -1.55
C ARG B 267 1.98 -34.51 -1.51
N THR B 268 1.46 -35.69 -1.84
CA THR B 268 0.03 -36.00 -1.75
C THR B 268 -0.41 -36.21 -0.30
N PHE B 269 -1.42 -35.45 0.11
CA PHE B 269 -2.01 -35.59 1.44
C PHE B 269 -3.47 -36.00 1.37
N PRO C 6 -43.93 4.85 49.58
CA PRO C 6 -42.51 4.84 49.90
C PRO C 6 -42.03 3.46 50.32
N PRO C 7 -40.85 3.03 49.82
CA PRO C 7 -40.19 1.78 50.21
C PRO C 7 -39.95 1.80 51.71
N GLU C 8 -39.70 0.66 52.34
CA GLU C 8 -39.78 0.62 53.79
C GLU C 8 -38.73 1.52 54.43
N GLY C 9 -37.46 1.24 54.16
CA GLY C 9 -36.40 1.98 54.80
C GLY C 9 -36.01 3.29 54.13
N PHE C 10 -36.78 3.71 53.13
CA PHE C 10 -36.39 4.85 52.31
C PHE C 10 -36.08 6.10 53.13
N PRO C 11 -34.82 6.57 53.06
CA PRO C 11 -34.42 7.74 53.85
C PRO C 11 -35.11 8.98 53.33
N GLU C 12 -35.39 9.93 54.21
CA GLU C 12 -36.01 11.16 53.77
C GLU C 12 -34.90 12.04 53.21
N PRO C 13 -35.26 13.11 52.49
CA PRO C 13 -34.21 13.96 51.96
C PRO C 13 -33.24 14.47 53.01
N LEU C 14 -32.01 14.73 52.57
CA LEU C 14 -31.01 15.37 53.42
C LEU C 14 -31.36 16.84 53.62
N ASN C 15 -30.92 17.39 54.76
CA ASN C 15 -31.17 18.77 55.14
C ASN C 15 -29.89 19.42 55.68
N PRO C 16 -29.92 20.73 56.03
CA PRO C 16 -28.64 21.34 56.47
C PRO C 16 -28.02 20.70 57.72
N THR C 17 -28.80 19.90 58.44
CA THR C 17 -28.31 19.24 59.63
C THR C 17 -27.62 17.95 59.26
N ASN C 18 -27.89 17.46 58.04
CA ASN C 18 -27.42 16.16 57.62
C ASN C 18 -26.34 16.17 56.54
N PHE C 19 -26.36 17.20 55.69
CA PHE C 19 -25.68 17.13 54.39
C PHE C 19 -24.17 16.90 54.44
N LYS C 20 -23.45 17.81 55.09
CA LYS C 20 -21.99 17.73 55.01
C LYS C 20 -21.52 16.52 55.80
N GLU C 21 -22.32 16.14 56.80
CA GLU C 21 -21.98 15.05 57.68
C GLU C 21 -22.24 13.71 57.00
N GLU C 22 -23.29 13.67 56.20
CA GLU C 22 -23.64 12.49 55.44
C GLU C 22 -22.62 12.24 54.31
N LEU C 23 -22.17 13.31 53.66
CA LEU C 23 -21.24 13.21 52.54
C LEU C 23 -19.76 13.04 52.93
N SER C 24 -19.45 13.04 54.22
CA SER C 24 -18.06 12.93 54.65
C SER C 24 -17.47 11.51 54.45
N LYS C 25 -18.31 10.53 54.13
CA LYS C 25 -17.81 9.18 53.86
C LYS C 25 -18.47 8.59 52.64
N GLY C 26 -17.71 7.82 51.88
CA GLY C 26 -18.19 7.14 50.69
C GLY C 26 -18.63 8.09 49.58
N LEU C 27 -19.28 7.54 48.56
CA LEU C 27 -19.77 8.30 47.41
C LEU C 27 -21.26 8.51 47.52
N HIS C 28 -21.75 9.66 47.06
CA HIS C 28 -23.18 9.88 47.07
C HIS C 28 -23.70 10.32 45.73
N ILE C 29 -24.78 9.64 45.31
CA ILE C 29 -25.51 9.99 44.11
C ILE C 29 -26.80 10.66 44.58
N ILE C 30 -26.85 11.97 44.43
CA ILE C 30 -27.90 12.77 45.02
C ILE C 30 -28.85 13.40 44.01
N ASP C 31 -30.14 13.25 44.28
CA ASP C 31 -31.20 13.85 43.47
C ASP C 31 -31.68 15.16 44.09
N PHE C 32 -31.16 16.28 43.58
CA PHE C 32 -31.62 17.62 43.96
C PHE C 32 -32.92 17.95 43.22
N TYR C 33 -34.04 17.92 43.93
CA TYR C 33 -35.35 18.02 43.29
C TYR C 33 -36.24 19.12 43.87
N SER C 34 -37.37 19.35 43.20
CA SER C 34 -38.41 20.22 43.72
C SER C 34 -39.73 19.45 43.66
N PRO C 35 -40.51 19.48 44.74
CA PRO C 35 -41.80 18.76 44.73
C PRO C 35 -42.85 19.36 43.77
N TYR C 36 -42.61 20.57 43.27
CA TYR C 36 -43.46 21.21 42.29
C TYR C 36 -42.85 21.35 40.87
N CYS C 37 -42.44 20.25 40.22
CA CYS C 37 -41.92 20.33 38.86
C CYS C 37 -42.09 19.01 38.21
N PRO C 38 -42.50 19.04 36.94
CA PRO C 38 -42.83 17.85 36.14
C PRO C 38 -41.81 16.71 36.13
N HIS C 39 -40.57 16.99 35.73
CA HIS C 39 -39.58 15.94 35.53
C HIS C 39 -39.17 15.40 36.90
N CYS C 40 -39.42 16.16 37.96
CA CYS C 40 -38.93 15.70 39.25
C CYS C 40 -39.98 14.88 39.96
N LYS C 41 -41.15 14.81 39.37
CA LYS C 41 -42.19 13.98 39.93
C LYS C 41 -42.44 12.74 39.09
N HIS C 42 -41.82 12.66 37.91
CA HIS C 42 -41.84 11.40 37.18
C HIS C 42 -40.51 10.68 37.43
N LEU C 43 -39.60 11.38 38.11
CA LEU C 43 -38.37 10.79 38.60
C LEU C 43 -38.54 10.15 39.98
N ALA C 44 -39.35 10.80 40.81
CA ALA C 44 -39.54 10.45 42.21
C ALA C 44 -39.82 8.96 42.45
N PRO C 45 -40.74 8.34 41.71
CA PRO C 45 -40.93 6.92 42.03
C PRO C 45 -39.76 6.07 41.55
N VAL C 46 -39.11 6.52 40.48
CA VAL C 46 -37.95 5.83 39.91
C VAL C 46 -36.79 5.82 40.91
N TRP C 47 -36.63 6.90 41.66
CA TRP C 47 -35.56 6.97 42.64
C TRP C 47 -35.76 5.89 43.69
N MET C 48 -37.01 5.75 44.14
CA MET C 48 -37.36 4.76 45.15
C MET C 48 -37.24 3.35 44.60
N GLU C 49 -37.44 3.19 43.30
CA GLU C 49 -37.15 1.93 42.64
C GLU C 49 -35.65 1.65 42.70
N THR C 50 -34.86 2.66 42.36
CA THR C 50 -33.41 2.55 42.35
C THR C 50 -32.87 2.20 43.74
N TRP C 51 -33.24 3.03 44.72
CA TRP C 51 -32.79 2.84 46.09
C TRP C 51 -33.04 1.41 46.62
N GLU C 52 -34.25 0.89 46.45
CA GLU C 52 -34.57 -0.41 47.04
C GLU C 52 -33.86 -1.57 46.34
N GLU C 53 -33.71 -1.46 45.04
CA GLU C 53 -32.99 -2.51 44.32
C GLU C 53 -31.50 -2.46 44.62
N PHE C 54 -31.01 -1.29 45.05
CA PHE C 54 -29.58 -1.10 45.26
C PHE C 54 -29.09 -1.36 46.70
N LYS C 55 -30.00 -1.74 47.58
CA LYS C 55 -29.70 -1.88 49.01
C LYS C 55 -28.51 -2.78 49.32
N GLU C 56 -28.44 -3.96 48.69
CA GLU C 56 -27.38 -4.92 49.02
C GLU C 56 -26.02 -4.41 48.52
N GLU C 57 -25.99 -3.85 47.33
CA GLU C 57 -24.75 -3.30 46.79
C GLU C 57 -24.30 -2.00 47.43
N SER C 58 -25.27 -1.21 47.90
CA SER C 58 -24.98 0.07 48.52
C SER C 58 -23.91 -0.01 49.61
N LYS C 59 -23.99 -1.03 50.47
CA LYS C 59 -22.99 -1.17 51.52
C LYS C 59 -21.64 -1.69 51.02
N THR C 60 -21.64 -2.66 50.12
CA THR C 60 -20.36 -3.21 49.70
C THR C 60 -19.62 -2.28 48.74
N LEU C 61 -20.35 -1.38 48.07
CA LEU C 61 -19.73 -0.45 47.13
C LEU C 61 -19.48 0.93 47.72
N ASN C 62 -20.04 1.20 48.91
CA ASN C 62 -19.82 2.46 49.62
C ASN C 62 -20.37 3.65 48.81
N ILE C 63 -21.54 3.45 48.25
CA ILE C 63 -22.23 4.44 47.45
C ILE C 63 -23.67 4.53 47.93
N THR C 64 -24.17 5.74 48.12
CA THR C 64 -25.51 5.91 48.67
C THR C 64 -26.36 6.73 47.69
N PHE C 65 -27.59 6.29 47.45
CA PHE C 65 -28.56 7.14 46.75
C PHE C 65 -29.30 8.01 47.77
N SER C 66 -29.30 9.32 47.51
CA SER C 66 -29.94 10.30 48.39
C SER C 66 -30.72 11.35 47.60
N GLN C 67 -31.41 12.21 48.33
CA GLN C 67 -32.27 13.25 47.74
C GLN C 67 -32.16 14.54 48.54
N VAL C 68 -32.45 15.66 47.90
CA VAL C 68 -32.53 16.91 48.61
C VAL C 68 -33.76 17.70 48.18
N ASN C 69 -34.67 17.95 49.13
CA ASN C 69 -35.81 18.82 48.87
C ASN C 69 -35.34 20.28 48.86
N CYS C 70 -35.41 20.91 47.70
CA CYS C 70 -34.86 22.26 47.54
C CYS C 70 -35.84 23.32 48.01
N ILE C 71 -36.97 22.87 48.56
CA ILE C 71 -37.88 23.79 49.23
C ILE C 71 -37.56 23.89 50.71
N GLU C 72 -37.34 22.75 51.34
CA GLU C 72 -37.09 22.71 52.77
C GLU C 72 -35.62 23.02 53.02
N SER C 73 -34.84 22.98 51.96
CA SER C 73 -33.43 23.32 52.05
C SER C 73 -33.01 24.17 50.85
N ALA C 74 -33.73 25.27 50.65
CA ALA C 74 -33.51 26.14 49.50
C ALA C 74 -32.10 26.73 49.47
N ASP C 75 -31.56 27.06 50.64
CA ASP C 75 -30.23 27.65 50.75
C ASP C 75 -29.13 26.62 50.52
N LEU C 76 -29.45 25.35 50.76
CA LEU C 76 -28.52 24.28 50.42
C LEU C 76 -28.35 24.21 48.90
N CYS C 77 -29.48 24.10 48.20
CA CYS C 77 -29.49 24.04 46.76
C CYS C 77 -28.88 25.29 46.16
N GLY C 78 -29.01 26.41 46.87
CA GLY C 78 -28.37 27.64 46.46
C GLY C 78 -26.85 27.64 46.62
N ASP C 79 -26.36 27.07 47.73
CA ASP C 79 -24.92 26.98 47.97
C ASP C 79 -24.22 26.04 46.96
N GLU C 80 -24.93 25.00 46.52
CA GLU C 80 -24.37 24.04 45.58
C GLU C 80 -24.56 24.42 44.11
N ASN C 81 -25.19 25.57 43.87
CA ASN C 81 -25.37 26.08 42.52
C ASN C 81 -26.24 25.17 41.65
N ILE C 82 -27.32 24.69 42.23
CA ILE C 82 -28.29 23.93 41.47
C ILE C 82 -28.80 24.88 40.38
N GLU C 83 -28.70 24.46 39.13
CA GLU C 83 -29.14 25.30 38.02
C GLU C 83 -30.53 24.88 37.53
N TYR C 84 -30.77 23.57 37.47
CA TYR C 84 -32.03 23.07 36.95
C TYR C 84 -32.65 22.03 37.89
N PHE C 85 -33.87 21.62 37.56
CA PHE C 85 -34.59 20.58 38.28
C PHE C 85 -35.07 19.52 37.31
N PRO C 86 -34.79 18.25 37.60
CA PRO C 86 -33.92 17.80 38.70
C PRO C 86 -32.45 17.77 38.30
N GLU C 87 -31.56 17.76 39.28
CA GLU C 87 -30.15 17.66 39.00
C GLU C 87 -29.57 16.48 39.77
N ILE C 88 -29.11 15.47 39.04
CA ILE C 88 -28.53 14.25 39.64
C ILE C 88 -27.00 14.39 39.68
N ARG C 89 -26.43 14.28 40.88
CA ARG C 89 -25.01 14.59 41.05
C ARG C 89 -24.23 13.54 41.83
N LEU C 90 -22.97 13.37 41.48
CA LEU C 90 -22.11 12.48 42.22
C LEU C 90 -21.22 13.30 43.13
N TYR C 91 -21.22 12.96 44.42
CA TYR C 91 -20.40 13.63 45.42
C TYR C 91 -19.38 12.72 46.06
N ASN C 92 -18.30 13.38 46.48
CA ASN C 92 -17.17 12.82 47.22
C ASN C 92 -17.09 13.41 48.61
N PRO C 93 -16.26 12.83 49.49
CA PRO C 93 -16.00 13.58 50.73
C PRO C 93 -15.32 14.92 50.41
N SER C 94 -14.56 15.00 49.32
CA SER C 94 -13.94 16.27 48.92
C SER C 94 -14.90 17.27 48.27
N GLY C 95 -16.07 16.80 47.82
CA GLY C 95 -17.05 17.66 47.19
C GLY C 95 -17.63 17.14 45.89
N TYR C 96 -18.28 18.01 45.12
CA TYR C 96 -18.90 17.65 43.85
C TYR C 96 -17.92 16.98 42.90
N ILE C 97 -18.39 15.99 42.15
CA ILE C 97 -17.53 15.33 41.17
C ILE C 97 -18.07 15.50 39.73
N LYS C 98 -19.32 15.09 39.50
CA LYS C 98 -19.92 15.12 38.18
C LYS C 98 -21.42 14.96 38.24
N SER C 99 -22.08 15.33 37.15
CA SER C 99 -23.52 15.22 37.07
C SER C 99 -23.91 14.06 36.18
N PHE C 100 -25.09 13.53 36.41
CA PHE C 100 -25.65 12.44 35.60
C PHE C 100 -26.78 12.98 34.68
N THR C 101 -26.42 13.31 33.44
CA THR C 101 -27.35 13.97 32.53
C THR C 101 -28.07 13.00 31.60
N GLU C 102 -27.63 11.75 31.60
CA GLU C 102 -28.16 10.72 30.72
C GLU C 102 -29.67 10.48 30.86
N THR C 103 -30.34 10.33 29.72
CA THR C 103 -31.79 10.08 29.69
C THR C 103 -32.11 8.89 28.78
N PRO C 104 -33.19 8.15 29.10
CA PRO C 104 -34.13 8.39 30.21
C PRO C 104 -33.67 7.79 31.54
N ARG C 105 -34.00 8.47 32.64
CA ARG C 105 -33.62 7.97 33.94
C ARG C 105 -34.43 6.73 34.31
N THR C 106 -33.78 5.57 34.32
CA THR C 106 -34.41 4.35 34.77
C THR C 106 -33.63 3.78 35.93
N LYS C 107 -34.20 2.76 36.59
CA LYS C 107 -33.51 2.07 37.66
C LYS C 107 -32.26 1.39 37.10
N GLU C 108 -32.34 0.80 35.91
CA GLU C 108 -31.16 0.18 35.30
C GLU C 108 -30.04 1.20 35.05
N SER C 109 -30.38 2.37 34.52
CA SER C 109 -29.35 3.33 34.16
C SER C 109 -28.65 3.91 35.39
N LEU C 110 -29.41 4.09 36.47
CA LEU C 110 -28.85 4.66 37.69
C LEU C 110 -27.96 3.64 38.41
N ILE C 111 -28.42 2.39 38.50
CA ILE C 111 -27.61 1.33 39.10
C ILE C 111 -26.32 1.19 38.30
N ALA C 112 -26.42 1.17 36.97
CA ALA C 112 -25.25 0.99 36.12
C ALA C 112 -24.22 2.07 36.41
N PHE C 113 -24.71 3.29 36.56
CA PHE C 113 -23.90 4.45 36.86
C PHE C 113 -23.13 4.30 38.19
N ALA C 114 -23.83 3.86 39.25
CA ALA C 114 -23.15 3.69 40.54
C ALA C 114 -22.08 2.62 40.42
N ARG C 115 -22.43 1.51 39.77
CA ARG C 115 -21.44 0.47 39.57
C ARG C 115 -20.23 0.98 38.77
N ARG C 116 -20.51 1.77 37.74
CA ARG C 116 -19.47 2.33 36.90
C ARG C 116 -18.54 3.23 37.72
N GLU C 117 -19.15 4.10 38.50
CA GLU C 117 -18.44 5.04 39.32
C GLU C 117 -17.71 4.35 40.47
N SER C 118 -18.21 3.19 40.89
CA SER C 118 -17.54 2.43 41.95
C SER C 118 -16.24 1.93 41.38
N MET C 119 -16.13 1.90 40.06
CA MET C 119 -14.91 1.39 39.46
C MET C 119 -13.92 2.43 38.98
N ASP C 120 -14.22 3.71 39.20
CA ASP C 120 -13.23 4.74 38.99
C ASP C 120 -12.36 4.81 40.26
N PRO C 121 -11.08 4.42 40.16
CA PRO C 121 -10.23 4.42 41.37
C PRO C 121 -10.12 5.82 41.93
N ASN C 122 -10.28 6.84 41.10
CA ASN C 122 -10.11 8.21 41.56
C ASN C 122 -11.27 8.71 42.43
N ASN C 123 -12.38 7.98 42.44
CA ASN C 123 -13.53 8.46 43.19
C ASN C 123 -13.29 8.33 44.72
N LEU C 124 -12.78 7.18 45.15
CA LEU C 124 -12.50 6.94 46.57
C LEU C 124 -11.02 6.66 46.90
N ASP C 125 -10.16 7.01 45.97
CA ASP C 125 -8.73 6.70 46.05
C ASP C 125 -8.47 5.27 46.48
N THR C 126 -9.06 4.36 45.73
CA THR C 126 -8.80 2.93 45.92
C THR C 126 -7.64 2.57 45.00
N ASP C 127 -7.12 1.37 45.12
CA ASP C 127 -5.91 1.03 44.40
C ASP C 127 -6.17 0.19 43.17
N LEU C 128 -5.97 0.81 42.01
CA LEU C 128 -6.25 0.19 40.72
C LEU C 128 -5.39 -1.05 40.48
N ASP C 129 -4.20 -1.01 41.06
CA ASP C 129 -3.23 -2.08 40.89
C ASP C 129 -3.71 -3.41 41.51
N SER C 130 -4.70 -3.35 42.41
CA SER C 130 -5.26 -4.60 42.95
C SER C 130 -6.21 -5.30 41.95
N ALA C 131 -6.63 -4.60 40.91
CA ALA C 131 -7.61 -5.16 39.97
C ALA C 131 -6.94 -5.65 38.69
N LYS C 132 -7.55 -6.65 38.09
CA LYS C 132 -7.11 -7.15 36.80
C LYS C 132 -7.57 -6.14 35.77
N SER C 133 -6.80 -5.96 34.71
CA SER C 133 -7.31 -5.23 33.54
C SER C 133 -8.23 -6.18 32.80
N GLU C 134 -9.42 -5.70 32.44
CA GLU C 134 -10.40 -6.46 31.64
C GLU C 134 -10.11 -6.47 30.16
N SER C 135 -9.13 -5.65 29.74
CA SER C 135 -8.76 -5.50 28.35
C SER C 135 -8.14 -6.78 27.79
N GLN C 136 -8.68 -7.28 26.69
CA GLN C 136 -8.12 -8.52 26.19
C GLN C 136 -7.18 -8.33 25.02
N TYR C 137 -6.16 -9.16 24.99
CA TYR C 137 -5.18 -9.13 23.93
C TYR C 137 -5.80 -9.50 22.57
N LEU C 138 -5.73 -8.62 21.59
CA LEU C 138 -6.23 -8.95 20.25
C LEU C 138 -5.12 -9.01 19.20
N GLU C 139 -5.00 -10.16 18.55
CA GLU C 139 -4.16 -10.22 17.38
C GLU C 139 -4.91 -9.58 16.22
N GLY C 140 -4.18 -9.25 15.16
CA GLY C 140 -4.75 -8.56 14.01
C GLY C 140 -5.93 -9.32 13.46
N PHE C 141 -5.70 -10.63 13.30
CA PHE C 141 -6.70 -11.56 12.84
C PHE C 141 -7.93 -11.53 13.77
N ASP C 142 -7.69 -11.51 15.08
CA ASP C 142 -8.79 -11.44 16.04
C ASP C 142 -9.65 -10.22 15.82
N PHE C 143 -8.99 -9.08 15.57
CA PHE C 143 -9.70 -7.84 15.36
C PHE C 143 -10.51 -7.83 14.04
N LEU C 144 -10.02 -8.51 13.01
CA LEU C 144 -10.72 -8.48 11.73
C LEU C 144 -11.95 -9.36 11.87
N GLU C 145 -11.85 -10.42 12.65
CA GLU C 145 -13.00 -11.22 12.99
C GLU C 145 -14.08 -10.35 13.65
N LEU C 146 -13.70 -9.53 14.62
CA LEU C 146 -14.71 -8.64 15.24
C LEU C 146 -15.35 -7.74 14.15
N ILE C 147 -14.52 -7.31 13.23
CA ILE C 147 -14.94 -6.30 12.28
C ILE C 147 -15.71 -6.95 11.09
N ALA C 148 -15.57 -8.26 10.92
CA ALA C 148 -16.36 -9.07 9.98
C ALA C 148 -17.79 -9.33 10.48
N GLY C 149 -18.07 -8.95 11.71
CA GLY C 149 -19.39 -9.03 12.28
C GLY C 149 -19.56 -10.11 13.34
N LYS C 150 -18.46 -10.63 13.84
CA LYS C 150 -18.49 -11.73 14.81
C LYS C 150 -18.49 -11.24 16.27
N ALA C 151 -18.38 -9.94 16.48
CA ALA C 151 -18.55 -9.38 17.83
C ALA C 151 -19.99 -9.61 18.23
N THR C 152 -20.21 -10.15 19.42
CA THR C 152 -21.56 -10.36 19.94
C THR C 152 -21.91 -9.28 20.95
N ARG C 153 -20.90 -8.52 21.35
CA ARG C 153 -21.09 -7.36 22.19
C ARG C 153 -20.27 -6.28 21.53
N PRO C 154 -20.58 -5.01 21.82
CA PRO C 154 -19.68 -3.95 21.32
C PRO C 154 -18.25 -4.12 21.87
N HIS C 155 -17.23 -3.68 21.14
CA HIS C 155 -15.83 -3.75 21.63
C HIS C 155 -15.18 -2.42 21.46
N LEU C 156 -14.87 -1.71 22.54
CA LEU C 156 -13.99 -0.56 22.42
C LEU C 156 -12.56 -1.10 22.36
N VAL C 157 -11.83 -0.74 21.30
CA VAL C 157 -10.48 -1.25 21.14
C VAL C 157 -9.47 -0.12 21.16
N SER C 158 -8.37 -0.38 21.86
CA SER C 158 -7.29 0.57 21.94
C SER C 158 -6.13 0.03 21.09
N PHE C 159 -5.43 0.95 20.44
CA PHE C 159 -4.32 0.65 19.52
C PHE C 159 -3.03 1.35 20.01
N TRP C 160 -1.93 0.60 20.08
CA TRP C 160 -0.70 1.06 20.76
C TRP C 160 0.58 0.96 19.94
N PRO C 161 1.48 1.94 20.11
CA PRO C 161 2.75 1.84 19.41
C PRO C 161 3.75 0.92 20.15
N THR C 162 3.46 -0.38 20.06
CA THR C 162 4.28 -1.38 20.71
C THR C 162 3.99 -2.76 20.16
N LYS C 163 4.77 -3.75 20.59
CA LYS C 163 4.50 -5.11 20.19
C LYS C 163 4.50 -6.03 21.38
N ASP C 164 4.83 -5.43 22.52
CA ASP C 164 5.13 -6.14 23.75
C ASP C 164 4.00 -6.08 24.76
N MET C 165 2.86 -5.53 24.36
CA MET C 165 1.79 -5.39 25.31
C MET C 165 0.99 -6.71 25.33
N LYS C 166 1.16 -7.49 26.39
CA LYS C 166 0.34 -8.69 26.48
C LYS C 166 -0.88 -8.38 27.33
N ASN C 167 -0.66 -7.82 28.52
CA ASN C 167 -1.75 -7.27 29.31
C ASN C 167 -1.71 -5.76 29.17
N SER C 168 -2.87 -5.12 29.11
CA SER C 168 -2.84 -3.69 28.82
C SER C 168 -2.08 -2.90 29.92
N ASP C 169 -1.88 -3.48 31.10
CA ASP C 169 -1.21 -2.77 32.19
C ASP C 169 0.19 -3.36 32.54
N ASP C 170 0.80 -4.05 31.58
CA ASP C 170 2.19 -4.48 31.67
C ASP C 170 3.13 -3.25 31.79
N SER C 171 4.32 -3.45 32.37
CA SER C 171 5.37 -2.44 32.47
C SER C 171 6.07 -2.29 31.14
N LEU C 172 5.93 -1.13 30.54
CA LEU C 172 6.42 -0.94 29.19
C LEU C 172 6.98 0.44 29.03
N GLU C 173 7.98 0.50 28.16
CA GLU C 173 8.58 1.75 27.75
C GLU C 173 8.16 2.02 26.33
N PHE C 174 7.33 3.04 26.16
CA PHE C 174 6.87 3.43 24.85
C PHE C 174 7.82 4.52 24.30
N LYS C 175 8.24 4.36 23.06
CA LYS C 175 9.09 5.31 22.38
C LYS C 175 8.27 6.39 21.67
N ASN C 176 8.69 7.66 21.79
CA ASN C 176 8.02 8.79 21.14
C ASN C 176 6.55 8.81 21.37
N CYS C 177 6.15 8.50 22.58
CA CYS C 177 4.75 8.51 22.93
C CYS C 177 4.61 9.01 24.35
N ASP C 178 4.48 10.33 24.43
CA ASP C 178 4.39 11.03 25.71
C ASP C 178 3.19 10.62 26.58
N LYS C 179 2.06 10.31 25.98
CA LYS C 179 0.88 10.08 26.80
C LYS C 179 0.61 8.60 27.15
N CYS C 180 1.35 7.68 26.52
CA CYS C 180 1.06 6.25 26.60
C CYS C 180 1.00 5.69 28.01
N HIS C 181 1.98 6.03 28.82
CA HIS C 181 2.03 5.56 30.19
C HIS C 181 0.75 5.97 30.93
N GLU C 182 0.46 7.27 30.85
CA GLU C 182 -0.77 7.83 31.41
C GLU C 182 -2.03 7.12 30.93
N PHE C 183 -2.11 6.85 29.63
CA PHE C 183 -3.31 6.24 29.09
C PHE C 183 -3.43 4.75 29.50
N GLN C 184 -2.37 4.09 29.97
CA GLN C 184 -2.53 2.71 30.50
C GLN C 184 -3.41 2.71 31.75
N ARG C 185 -3.28 3.76 32.57
CA ARG C 185 -4.12 3.88 33.75
C ARG C 185 -5.54 4.10 33.29
N THR C 186 -5.70 5.05 32.38
CA THR C 186 -7.00 5.37 31.82
C THR C 186 -7.65 4.15 31.10
N TRP C 187 -6.89 3.47 30.26
CA TRP C 187 -7.45 2.36 29.49
C TRP C 187 -7.90 1.24 30.41
N LYS C 188 -7.12 1.01 31.47
CA LYS C 188 -7.45 0.02 32.47
C LYS C 188 -8.76 0.38 33.20
N ILE C 189 -8.95 1.65 33.52
CA ILE C 189 -10.18 2.05 34.20
C ILE C 189 -11.34 1.87 33.25
N ILE C 190 -11.14 2.31 32.01
CA ILE C 190 -12.12 2.11 30.97
C ILE C 190 -12.56 0.65 30.85
N SER C 191 -11.63 -0.28 30.86
CA SER C 191 -12.00 -1.67 30.66
C SER C 191 -12.90 -2.15 31.79
N ARG C 192 -12.65 -1.64 32.99
CA ARG C 192 -13.41 -2.10 34.15
C ARG C 192 -14.78 -1.48 34.22
N GLN C 193 -14.90 -0.20 33.90
CA GLN C 193 -16.20 0.44 33.88
C GLN C 193 -17.12 -0.12 32.79
N LEU C 194 -16.55 -0.44 31.63
CA LEU C 194 -17.33 -0.95 30.52
C LEU C 194 -17.73 -2.41 30.78
N ALA C 195 -16.97 -3.12 31.63
CA ALA C 195 -17.36 -4.49 31.95
C ALA C 195 -18.73 -4.52 32.66
N VAL C 196 -19.08 -3.44 33.36
CA VAL C 196 -20.38 -3.31 33.99
C VAL C 196 -21.51 -3.31 32.96
N ASP C 197 -21.31 -2.68 31.81
CA ASP C 197 -22.34 -2.64 30.77
C ASP C 197 -22.17 -3.76 29.76
N ASP C 198 -21.35 -4.75 30.10
CA ASP C 198 -21.08 -5.89 29.25
C ASP C 198 -20.58 -5.41 27.90
N ILE C 199 -19.83 -4.32 27.91
CA ILE C 199 -19.10 -3.88 26.74
C ILE C 199 -17.66 -4.38 26.86
N ASN C 200 -17.19 -5.08 25.84
CA ASN C 200 -15.82 -5.58 25.86
C ASN C 200 -14.75 -4.54 25.51
N THR C 201 -13.51 -4.78 25.94
CA THR C 201 -12.38 -3.96 25.52
C THR C 201 -11.20 -4.78 25.02
N GLY C 202 -10.39 -4.19 24.15
CA GLY C 202 -9.26 -4.91 23.58
C GLY C 202 -8.07 -3.99 23.38
N HIS C 203 -6.89 -4.57 23.23
CA HIS C 203 -5.75 -3.80 22.85
C HIS C 203 -5.06 -4.49 21.68
N VAL C 204 -4.54 -3.65 20.78
CA VAL C 204 -3.79 -4.12 19.61
C VAL C 204 -2.37 -3.53 19.61
N ASN C 205 -1.38 -4.39 19.36
CA ASN C 205 -0.02 -3.97 19.16
C ASN C 205 0.20 -3.57 17.69
N CYS C 206 0.18 -2.29 17.39
CA CYS C 206 0.30 -1.88 16.01
C CYS C 206 1.63 -2.27 15.41
N GLU C 207 2.68 -2.36 16.24
CA GLU C 207 3.99 -2.86 15.77
C GLU C 207 3.93 -4.32 15.32
N SER C 208 2.98 -5.10 15.87
CA SER C 208 2.79 -6.50 15.44
C SER C 208 1.82 -6.59 14.27
N ASN C 209 1.18 -5.47 13.93
CA ASN C 209 0.12 -5.45 12.94
C ASN C 209 0.22 -4.28 11.96
N PRO C 210 1.33 -4.20 11.21
CA PRO C 210 1.53 -2.95 10.44
C PRO C 210 0.43 -2.65 9.38
N THR C 211 0.07 -3.64 8.57
CA THR C 211 -0.88 -3.35 7.50
C THR C 211 -2.24 -2.98 8.07
N ILE C 212 -2.71 -3.73 9.05
CA ILE C 212 -3.98 -3.39 9.67
C ILE C 212 -4.03 -1.97 10.24
N CYS C 213 -3.04 -1.62 11.06
CA CYS C 213 -3.03 -0.30 11.68
C CYS C 213 -2.80 0.81 10.66
N GLU C 214 -2.00 0.53 9.64
CA GLU C 214 -1.82 1.50 8.56
C GLU C 214 -3.12 1.73 7.81
N GLU C 215 -3.82 0.65 7.46
CA GLU C 215 -5.10 0.80 6.73
C GLU C 215 -6.18 1.46 7.60
N LEU C 216 -6.10 1.24 8.92
CA LEU C 216 -7.10 1.79 9.84
C LEU C 216 -6.92 3.27 10.07
N GLY C 217 -5.83 3.83 9.56
CA GLY C 217 -5.50 5.22 9.80
C GLY C 217 -4.66 5.40 11.07
N PHE C 218 -4.05 4.31 11.55
CA PHE C 218 -3.13 4.38 12.70
C PHE C 218 -1.69 4.04 12.34
N GLY C 219 -1.28 4.32 11.10
CA GLY C 219 0.06 3.98 10.67
C GLY C 219 1.22 4.58 11.49
N ASP C 220 0.97 5.66 12.23
CA ASP C 220 2.01 6.34 13.00
C ASP C 220 2.39 5.56 14.24
N LEU C 221 1.54 4.61 14.62
CA LEU C 221 1.84 3.76 15.75
C LEU C 221 2.66 2.58 15.31
N VAL C 222 2.81 2.36 14.02
CA VAL C 222 3.45 1.12 13.57
C VAL C 222 4.94 1.15 13.74
N LYS C 223 5.48 2.34 13.46
CA LYS C 223 6.89 2.59 13.25
C LYS C 223 7.42 3.94 13.78
N ILE C 224 8.67 3.93 14.24
CA ILE C 224 9.38 5.16 14.56
C ILE C 224 9.67 6.00 13.32
N THR C 225 9.38 7.30 13.39
CA THR C 225 9.81 8.24 12.34
C THR C 225 10.39 9.51 12.99
N ASN C 226 11.29 10.20 12.30
CA ASN C 226 11.89 11.36 12.95
C ASN C 226 11.11 12.62 12.71
N HIS C 227 10.03 12.55 11.94
CA HIS C 227 9.27 13.76 11.62
CA HIS C 227 9.28 13.76 11.63
C HIS C 227 8.14 14.03 12.61
N ARG C 228 7.61 12.98 13.24
CA ARG C 228 6.59 13.17 14.28
C ARG C 228 7.22 13.16 15.68
N ALA C 229 7.07 14.25 16.43
CA ALA C 229 7.63 14.30 17.78
C ALA C 229 7.00 13.24 18.69
N ASP C 230 5.70 13.06 18.50
CA ASP C 230 4.87 12.37 19.47
C ASP C 230 3.70 11.65 18.80
N ARG C 231 3.31 10.53 19.38
CA ARG C 231 2.16 9.74 18.96
C ARG C 231 1.40 9.52 20.22
N GLU C 232 0.14 9.15 20.09
CA GLU C 232 -0.68 8.84 21.22
C GLU C 232 -1.49 7.61 20.85
N PRO C 233 -1.96 6.84 21.85
CA PRO C 233 -2.74 5.66 21.49
C PRO C 233 -4.10 6.03 20.91
N LYS C 234 -4.58 5.20 20.00
CA LYS C 234 -5.87 5.43 19.39
C LYS C 234 -6.95 4.49 19.89
N VAL C 235 -8.19 4.96 19.81
CA VAL C 235 -9.32 4.22 20.29
C VAL C 235 -10.41 4.08 19.21
N ALA C 236 -10.95 2.88 19.06
CA ALA C 236 -12.05 2.70 18.13
C ALA C 236 -13.13 1.77 18.68
N LEU C 237 -14.37 2.02 18.27
CA LEU C 237 -15.50 1.20 18.66
C LEU C 237 -15.97 0.25 17.56
N VAL C 238 -16.16 -1.02 17.91
CA VAL C 238 -16.71 -2.00 16.98
C VAL C 238 -18.15 -2.31 17.35
N LEU C 239 -19.08 -2.14 16.42
CA LEU C 239 -20.47 -2.47 16.74
C LEU C 239 -20.72 -3.98 16.65
N PRO C 240 -21.52 -4.52 17.56
CA PRO C 240 -21.71 -5.98 17.49
C PRO C 240 -22.63 -6.45 16.32
N ASN C 241 -22.30 -7.60 15.76
CA ASN C 241 -23.16 -8.28 14.80
C ASN C 241 -23.56 -7.48 13.53
N LYS C 242 -22.74 -6.48 13.14
CA LYS C 242 -22.89 -5.74 11.89
C LYS C 242 -21.71 -6.08 11.01
N THR C 243 -21.93 -6.23 9.70
CA THR C 243 -20.83 -6.59 8.79
C THR C 243 -20.22 -5.39 8.07
N SER C 244 -20.79 -4.22 8.27
CA SER C 244 -20.42 -3.01 7.58
C SER C 244 -20.72 -1.84 8.47
N ASN C 245 -20.00 -0.74 8.23
CA ASN C 245 -20.16 0.47 9.02
C ASN C 245 -20.23 0.14 10.50
N ASN C 246 -19.28 -0.68 10.95
CA ASN C 246 -19.30 -1.15 12.31
C ASN C 246 -18.08 -0.63 13.10
N LEU C 247 -17.27 0.21 12.45
CA LEU C 247 -16.05 0.73 13.09
C LEU C 247 -16.05 2.25 13.15
N PHE C 248 -16.05 2.77 14.37
CA PHE C 248 -16.14 4.19 14.62
C PHE C 248 -15.00 4.68 15.55
N ASP C 249 -14.13 5.54 15.04
CA ASP C 249 -13.06 6.15 15.85
C ASP C 249 -13.60 7.04 16.97
N TYR C 250 -12.94 7.01 18.13
CA TYR C 250 -13.24 7.96 19.19
C TYR C 250 -13.03 9.40 18.66
N PRO C 251 -14.11 10.21 18.69
CA PRO C 251 -14.16 11.50 17.98
C PRO C 251 -13.47 12.62 18.73
N ASN C 252 -13.54 12.63 20.05
CA ASN C 252 -13.01 13.77 20.77
C ASN C 252 -11.49 13.71 20.98
N GLY C 253 -10.94 14.71 21.64
CA GLY C 253 -9.50 14.76 21.77
C GLY C 253 -9.05 13.81 22.85
N TYR C 254 -7.73 13.72 23.05
CA TYR C 254 -7.18 12.94 24.13
C TYR C 254 -7.74 13.41 25.48
N SER C 255 -7.99 12.48 26.41
CA SER C 255 -8.29 12.86 27.79
C SER C 255 -7.67 11.84 28.76
N ALA C 256 -7.29 12.31 29.94
CA ALA C 256 -6.85 11.36 30.97
C ALA C 256 -8.05 10.78 31.71
N LYS C 257 -9.21 11.41 31.52
CA LYS C 257 -10.45 10.96 32.15
C LYS C 257 -11.07 9.86 31.31
N SER C 258 -11.68 8.90 31.99
CA SER C 258 -12.22 7.76 31.30
C SER C 258 -13.56 8.08 30.67
N ASP C 259 -14.21 9.14 31.15
CA ASP C 259 -15.63 9.33 30.91
C ASP C 259 -16.04 9.47 29.42
N GLY C 260 -15.37 10.32 28.65
CA GLY C 260 -15.75 10.45 27.26
C GLY C 260 -15.66 9.12 26.54
N TYR C 261 -14.58 8.40 26.80
CA TYR C 261 -14.39 7.11 26.16
C TYR C 261 -15.47 6.13 26.58
N VAL C 262 -15.85 6.15 27.86
CA VAL C 262 -16.89 5.26 28.38
C VAL C 262 -18.20 5.63 27.70
N ASP C 263 -18.56 6.92 27.67
CA ASP C 263 -19.82 7.34 27.07
C ASP C 263 -19.93 7.10 25.55
N PHE C 264 -18.84 7.28 24.83
CA PHE C 264 -18.82 7.03 23.39
C PHE C 264 -19.08 5.54 23.14
N ALA C 265 -18.45 4.69 23.93
CA ALA C 265 -18.64 3.25 23.78
C ALA C 265 -20.06 2.81 24.10
N ARG C 266 -20.80 3.61 24.88
CA ARG C 266 -22.13 3.23 25.31
C ARG C 266 -23.32 3.86 24.56
N ARG C 267 -23.08 4.90 23.79
CA ARG C 267 -24.18 5.59 23.12
C ARG C 267 -24.74 4.81 21.93
N THR C 268 -26.03 5.04 21.66
CA THR C 268 -26.78 4.37 20.60
C THR C 268 -26.35 4.76 19.17
N PHE C 269 -26.04 3.74 18.37
CA PHE C 269 -25.68 3.91 16.95
C PHE C 269 -26.72 3.27 16.02
N PRO D 6 -14.62 -12.46 -17.32
CA PRO D 6 -13.20 -12.25 -17.04
C PRO D 6 -12.56 -13.44 -16.35
N PRO D 7 -11.38 -13.87 -16.81
CA PRO D 7 -10.61 -14.98 -16.22
C PRO D 7 -10.29 -14.74 -14.76
N GLU D 8 -10.00 -15.81 -14.05
CA GLU D 8 -10.00 -15.78 -12.59
C GLU D 8 -8.93 -14.88 -11.98
N GLY D 9 -7.65 -15.15 -12.28
CA GLY D 9 -6.59 -14.39 -11.65
C GLY D 9 -6.22 -13.08 -12.31
N PHE D 10 -7.03 -12.65 -13.28
CA PHE D 10 -6.69 -11.52 -14.13
C PHE D 10 -6.39 -10.23 -13.38
N PRO D 11 -5.15 -9.75 -13.52
CA PRO D 11 -4.71 -8.53 -12.83
C PRO D 11 -5.45 -7.27 -13.28
N GLU D 12 -5.54 -6.31 -12.37
CA GLU D 12 -6.13 -5.01 -12.63
C GLU D 12 -5.09 -4.17 -13.35
N PRO D 13 -5.52 -3.09 -14.04
CA PRO D 13 -4.53 -2.24 -14.70
C PRO D 13 -3.45 -1.70 -13.79
N LEU D 14 -2.26 -1.48 -14.34
CA LEU D 14 -1.22 -0.82 -13.58
C LEU D 14 -1.65 0.64 -13.47
N ASN D 15 -1.21 1.30 -12.39
CA ASN D 15 -1.52 2.70 -12.13
C ASN D 15 -0.25 3.40 -11.63
N PRO D 16 -0.28 4.73 -11.44
CA PRO D 16 0.94 5.44 -11.02
C PRO D 16 1.59 4.99 -9.70
N THR D 17 0.86 4.25 -8.87
CA THR D 17 1.45 3.80 -7.61
C THR D 17 2.23 2.48 -7.70
N ASN D 18 1.94 1.66 -8.70
CA ASN D 18 2.62 0.37 -8.82
C ASN D 18 3.44 0.24 -10.10
N PHE D 19 3.21 1.14 -11.06
CA PHE D 19 3.76 0.99 -12.40
C PHE D 19 5.27 0.81 -12.40
N LYS D 20 6.00 1.74 -11.83
CA LYS D 20 7.43 1.66 -11.93
C LYS D 20 7.94 0.50 -11.05
N GLU D 21 7.17 0.08 -10.04
CA GLU D 21 7.57 -1.04 -9.17
C GLU D 21 7.41 -2.40 -9.84
N GLU D 22 6.32 -2.51 -10.59
CA GLU D 22 6.02 -3.72 -11.35
C GLU D 22 7.05 -3.89 -12.46
N LEU D 23 7.45 -2.81 -13.10
CA LEU D 23 8.38 -2.96 -14.21
C LEU D 23 9.85 -3.12 -13.78
N SER D 24 10.13 -3.04 -12.48
CA SER D 24 11.53 -3.12 -12.00
C SER D 24 12.12 -4.55 -12.14
N LYS D 25 11.28 -5.50 -12.55
CA LYS D 25 11.74 -6.87 -12.81
C LYS D 25 11.14 -7.43 -14.10
N GLY D 26 11.94 -8.18 -14.86
CA GLY D 26 11.48 -8.89 -16.04
C GLY D 26 10.96 -8.04 -17.18
N LEU D 27 10.29 -8.70 -18.13
CA LEU D 27 9.69 -8.02 -19.27
C LEU D 27 8.19 -7.82 -19.12
N HIS D 28 7.73 -6.65 -19.54
CA HIS D 28 6.32 -6.38 -19.50
C HIS D 28 5.83 -5.94 -20.87
N ILE D 29 4.76 -6.60 -21.32
CA ILE D 29 4.08 -6.24 -22.55
C ILE D 29 2.79 -5.57 -22.11
N ILE D 30 2.70 -4.26 -22.30
CA ILE D 30 1.62 -3.49 -21.72
C ILE D 30 0.63 -2.92 -22.74
N ASP D 31 -0.66 -3.08 -22.44
CA ASP D 31 -1.75 -2.55 -23.25
C ASP D 31 -2.28 -1.21 -22.70
N PHE D 32 -1.79 -0.10 -23.25
CA PHE D 32 -2.27 1.23 -22.89
C PHE D 32 -3.59 1.52 -23.59
N TYR D 33 -4.68 1.48 -22.82
CA TYR D 33 -6.02 1.58 -23.42
C TYR D 33 -6.90 2.68 -22.87
N SER D 34 -8.01 2.92 -23.60
CA SER D 34 -9.07 3.81 -23.16
C SER D 34 -10.40 3.11 -23.26
N PRO D 35 -11.23 3.24 -22.21
CA PRO D 35 -12.56 2.61 -22.19
C PRO D 35 -13.54 3.28 -23.17
N TYR D 36 -13.15 4.44 -23.65
CA TYR D 36 -13.90 5.18 -24.66
C TYR D 36 -13.08 5.14 -25.94
N CYS D 37 -12.91 3.92 -26.45
CA CYS D 37 -12.16 3.67 -27.67
C CYS D 37 -12.64 2.38 -28.31
N PRO D 38 -13.18 2.49 -29.54
CA PRO D 38 -13.75 1.38 -30.31
C PRO D 38 -12.80 0.19 -30.35
N HIS D 39 -11.56 0.47 -30.75
CA HIS D 39 -10.58 -0.56 -31.03
C HIS D 39 -10.10 -1.28 -29.76
N CYS D 40 -10.29 -0.61 -28.62
CA CYS D 40 -9.69 -1.06 -27.37
C CYS D 40 -10.67 -1.98 -26.67
N LYS D 41 -11.83 -2.17 -27.28
CA LYS D 41 -12.84 -3.05 -26.71
C LYS D 41 -12.98 -4.38 -27.44
N HIS D 42 -12.29 -4.57 -28.55
CA HIS D 42 -12.23 -5.90 -29.16
C HIS D 42 -10.93 -6.55 -28.77
N LEU D 43 -10.05 -5.74 -28.19
CA LEU D 43 -8.78 -6.20 -27.69
C LEU D 43 -8.95 -6.75 -26.29
N ALA D 44 -9.84 -6.11 -25.53
CA ALA D 44 -10.06 -6.48 -24.13
C ALA D 44 -10.28 -8.00 -23.96
N PRO D 45 -11.17 -8.62 -24.78
CA PRO D 45 -11.34 -10.07 -24.57
C PRO D 45 -10.18 -10.90 -25.14
N VAL D 46 -9.55 -10.40 -26.20
CA VAL D 46 -8.38 -11.06 -26.77
C VAL D 46 -7.25 -10.97 -25.74
N TRP D 47 -7.19 -9.84 -25.05
CA TRP D 47 -6.19 -9.62 -24.01
C TRP D 47 -6.31 -10.58 -22.85
N MET D 48 -7.53 -10.78 -22.38
CA MET D 48 -7.78 -11.67 -21.24
C MET D 48 -7.55 -13.13 -21.61
N GLU D 49 -7.82 -13.47 -22.87
CA GLU D 49 -7.48 -14.78 -23.40
C GLU D 49 -5.97 -14.99 -23.47
N THR D 50 -5.27 -13.96 -23.95
CA THR D 50 -3.82 -14.02 -24.08
C THR D 50 -3.23 -14.33 -22.72
N TRP D 51 -3.59 -13.49 -21.75
CA TRP D 51 -3.14 -13.63 -20.38
C TRP D 51 -3.41 -15.03 -19.82
N GLU D 52 -4.61 -15.57 -20.04
CA GLU D 52 -4.96 -16.84 -19.40
C GLU D 52 -4.23 -18.05 -20.01
N GLU D 53 -4.07 -18.07 -21.33
CA GLU D 53 -3.30 -19.14 -21.97
C GLU D 53 -1.79 -18.94 -21.79
N PHE D 54 -1.36 -17.70 -21.47
CA PHE D 54 0.06 -17.45 -21.30
C PHE D 54 0.55 -17.61 -19.86
N LYS D 55 -0.35 -17.97 -18.94
CA LYS D 55 -0.04 -18.04 -17.51
C LYS D 55 1.19 -18.90 -17.20
N GLU D 56 1.28 -20.07 -17.80
CA GLU D 56 2.38 -20.97 -17.49
C GLU D 56 3.71 -20.46 -18.04
N GLU D 57 3.73 -19.99 -19.28
CA GLU D 57 5.01 -19.53 -19.86
C GLU D 57 5.49 -18.24 -19.21
N SER D 58 4.54 -17.42 -18.78
CA SER D 58 4.81 -16.19 -18.10
C SER D 58 5.79 -16.37 -16.93
N LYS D 59 5.62 -17.46 -16.21
CA LYS D 59 6.44 -17.76 -15.05
C LYS D 59 7.88 -18.08 -15.47
N THR D 60 8.02 -18.97 -16.44
CA THR D 60 9.33 -19.44 -16.89
C THR D 60 10.07 -18.48 -17.83
N LEU D 61 9.34 -17.57 -18.50
CA LEU D 61 9.98 -16.61 -19.39
C LEU D 61 10.17 -15.20 -18.77
N ASN D 62 9.59 -14.98 -17.58
CA ASN D 62 9.73 -13.70 -16.88
C ASN D 62 9.10 -12.63 -17.75
N ILE D 63 7.95 -12.94 -18.30
CA ILE D 63 7.23 -11.98 -19.14
C ILE D 63 5.79 -11.88 -18.67
N THR D 64 5.34 -10.65 -18.47
CA THR D 64 4.02 -10.40 -17.91
C THR D 64 3.21 -9.51 -18.85
N PHE D 65 1.94 -9.86 -19.05
CA PHE D 65 1.02 -8.94 -19.72
C PHE D 65 0.32 -8.05 -18.70
N SER D 66 0.40 -6.76 -18.94
CA SER D 66 -0.16 -5.73 -18.06
C SER D 66 -0.89 -4.64 -18.83
N GLN D 67 -1.53 -3.73 -18.08
CA GLN D 67 -2.32 -2.65 -18.68
C GLN D 67 -2.28 -1.33 -17.90
N VAL D 68 -2.45 -0.21 -18.61
CA VAL D 68 -2.70 1.08 -17.97
C VAL D 68 -3.85 1.81 -18.70
N ASN D 69 -4.92 2.03 -17.94
CA ASN D 69 -6.06 2.83 -18.35
C ASN D 69 -5.70 4.31 -18.36
N CYS D 70 -5.69 4.91 -19.53
CA CYS D 70 -5.23 6.29 -19.68
C CYS D 70 -6.31 7.32 -19.34
N ILE D 71 -7.47 6.83 -18.93
CA ILE D 71 -8.50 7.72 -18.42
C ILE D 71 -8.26 7.85 -16.92
N GLU D 72 -8.02 6.73 -16.27
CA GLU D 72 -7.75 6.68 -14.83
C GLU D 72 -6.28 6.91 -14.48
N SER D 73 -5.41 6.89 -15.48
CA SER D 73 -4.00 7.17 -15.28
C SER D 73 -3.52 8.09 -16.40
N ALA D 74 -4.23 9.19 -16.58
CA ALA D 74 -3.98 10.11 -17.68
C ALA D 74 -2.58 10.73 -17.67
N ASP D 75 -2.07 11.04 -16.47
CA ASP D 75 -0.76 11.66 -16.37
C ASP D 75 0.40 10.67 -16.57
N LEU D 76 0.17 9.40 -16.23
CA LEU D 76 1.18 8.38 -16.46
C LEU D 76 1.39 8.23 -17.95
N CYS D 77 0.29 8.07 -18.68
CA CYS D 77 0.31 7.97 -20.14
C CYS D 77 0.91 9.21 -20.82
N GLY D 78 0.75 10.38 -20.20
CA GLY D 78 1.39 11.58 -20.72
C GLY D 78 2.90 11.48 -20.53
N ASP D 79 3.32 10.93 -19.39
CA ASP D 79 4.72 10.67 -19.10
C ASP D 79 5.31 9.59 -20.02
N GLU D 80 4.47 8.65 -20.45
CA GLU D 80 4.90 7.53 -21.30
C GLU D 80 4.78 7.89 -22.79
N ASN D 81 4.25 9.09 -23.05
CA ASN D 81 4.11 9.65 -24.40
C ASN D 81 3.19 8.84 -25.30
N ILE D 82 2.06 8.37 -24.76
CA ILE D 82 1.09 7.63 -25.57
C ILE D 82 0.48 8.48 -26.69
N GLU D 83 0.56 7.97 -27.91
CA GLU D 83 0.07 8.67 -29.10
C GLU D 83 -1.33 8.21 -29.56
N TYR D 84 -1.58 6.91 -29.55
CA TYR D 84 -2.86 6.36 -30.00
C TYR D 84 -3.42 5.35 -29.01
N PHE D 85 -4.65 4.92 -29.25
CA PHE D 85 -5.30 3.90 -28.44
C PHE D 85 -5.90 2.82 -29.34
N PRO D 86 -5.62 1.55 -29.02
CA PRO D 86 -4.71 1.12 -27.97
C PRO D 86 -3.25 1.10 -28.42
N GLU D 87 -2.34 1.15 -27.47
CA GLU D 87 -0.92 1.05 -27.79
C GLU D 87 -0.27 -0.05 -26.96
N ILE D 88 0.23 -1.07 -27.64
CA ILE D 88 0.85 -2.21 -27.00
C ILE D 88 2.37 -2.08 -27.00
N ARG D 89 2.97 -2.11 -25.81
CA ARG D 89 4.39 -1.78 -25.64
C ARG D 89 5.19 -2.78 -24.82
N LEU D 90 6.48 -2.89 -25.13
CA LEU D 90 7.41 -3.74 -24.40
C LEU D 90 8.31 -2.93 -23.48
N TYR D 91 8.30 -3.26 -22.20
CA TYR D 91 9.18 -2.60 -21.25
C TYR D 91 10.11 -3.59 -20.56
N ASN D 92 11.32 -3.14 -20.20
CA ASN D 92 12.19 -3.94 -19.34
C ASN D 92 12.46 -3.06 -18.11
N PRO D 93 13.31 -3.50 -17.15
CA PRO D 93 13.56 -2.61 -15.98
C PRO D 93 14.12 -1.24 -16.31
N SER D 94 14.86 -1.13 -17.41
CA SER D 94 15.41 0.16 -17.78
C SER D 94 14.36 1.04 -18.44
N GLY D 95 13.24 0.47 -18.90
CA GLY D 95 12.21 1.27 -19.51
C GLY D 95 11.71 0.77 -20.87
N TYR D 96 11.05 1.66 -21.62
CA TYR D 96 10.47 1.31 -22.92
C TYR D 96 11.54 0.72 -23.86
N ILE D 97 11.13 -0.25 -24.67
CA ILE D 97 12.00 -0.90 -25.63
C ILE D 97 11.51 -0.66 -27.05
N LYS D 98 10.25 -1.02 -27.30
CA LYS D 98 9.67 -0.96 -28.63
C LYS D 98 8.16 -1.09 -28.52
N SER D 99 7.45 -0.76 -29.60
CA SER D 99 6.00 -0.93 -29.62
C SER D 99 5.63 -2.12 -30.48
N PHE D 100 4.47 -2.70 -30.21
CA PHE D 100 3.95 -3.81 -31.00
C PHE D 100 2.83 -3.29 -31.88
N THR D 101 3.18 -2.91 -33.11
CA THR D 101 2.26 -2.22 -34.03
C THR D 101 1.54 -3.15 -35.01
N GLU D 102 1.96 -4.39 -35.05
CA GLU D 102 1.44 -5.40 -35.97
C GLU D 102 -0.09 -5.61 -35.83
N THR D 103 -0.79 -5.70 -36.96
CA THR D 103 -2.25 -5.99 -36.98
C THR D 103 -2.64 -7.06 -38.00
N PRO D 104 -3.72 -7.83 -37.74
CA PRO D 104 -4.64 -7.73 -36.60
C PRO D 104 -4.16 -8.54 -35.40
N ARG D 105 -4.38 -7.99 -34.22
CA ARG D 105 -3.95 -8.56 -32.94
C ARG D 105 -4.78 -9.78 -32.53
N THR D 106 -4.16 -10.95 -32.49
CA THR D 106 -4.83 -12.13 -31.96
C THR D 106 -4.06 -12.67 -30.76
N LYS D 107 -4.63 -13.67 -30.09
CA LYS D 107 -3.95 -14.31 -28.98
C LYS D 107 -2.65 -14.92 -29.46
N GLU D 108 -2.70 -15.54 -30.65
CA GLU D 108 -1.50 -16.12 -31.23
C GLU D 108 -0.38 -15.10 -31.47
N SER D 109 -0.71 -13.96 -32.06
CA SER D 109 0.32 -12.97 -32.40
C SER D 109 0.96 -12.35 -31.16
N LEU D 110 0.16 -12.18 -30.12
CA LEU D 110 0.65 -11.58 -28.90
C LEU D 110 1.58 -12.56 -28.18
N ILE D 111 1.18 -13.83 -28.09
CA ILE D 111 2.01 -14.89 -27.52
C ILE D 111 3.29 -15.04 -28.32
N ALA D 112 3.17 -15.10 -29.64
CA ALA D 112 4.35 -15.31 -30.48
C ALA D 112 5.34 -14.18 -30.22
N PHE D 113 4.83 -12.95 -30.17
CA PHE D 113 5.64 -11.77 -29.89
C PHE D 113 6.40 -11.87 -28.54
N ALA D 114 5.72 -12.35 -27.50
CA ALA D 114 6.38 -12.53 -26.21
C ALA D 114 7.50 -13.57 -26.29
N ARG D 115 7.23 -14.68 -26.97
CA ARG D 115 8.26 -15.71 -27.14
C ARG D 115 9.46 -15.19 -27.92
N ARG D 116 9.19 -14.44 -28.97
CA ARG D 116 10.29 -13.84 -29.74
C ARG D 116 11.13 -12.91 -28.86
N GLU D 117 10.46 -12.07 -28.10
CA GLU D 117 11.16 -11.11 -27.27
C GLU D 117 11.93 -11.77 -26.14
N SER D 118 11.47 -12.94 -25.71
CA SER D 118 12.19 -13.64 -24.65
C SER D 118 13.53 -14.15 -25.15
N MET D 119 13.65 -14.28 -26.48
CA MET D 119 14.85 -14.85 -27.08
C MET D 119 15.83 -13.80 -27.56
N ASP D 120 15.49 -12.53 -27.36
CA ASP D 120 16.42 -11.41 -27.59
C ASP D 120 17.29 -11.23 -26.35
N PRO D 121 18.60 -11.50 -26.50
CA PRO D 121 19.51 -11.46 -25.35
C PRO D 121 19.55 -10.07 -24.74
N ASN D 122 19.22 -9.04 -25.51
CA ASN D 122 19.31 -7.66 -25.00
C ASN D 122 18.15 -7.23 -24.10
N ASN D 123 17.05 -7.97 -24.11
CA ASN D 123 15.88 -7.56 -23.35
C ASN D 123 16.00 -7.74 -21.85
N LEU D 124 16.52 -8.88 -21.42
CA LEU D 124 16.79 -9.10 -20.00
C LEU D 124 18.27 -9.29 -19.79
N ASP D 125 19.04 -8.86 -20.79
CA ASP D 125 20.48 -9.05 -20.82
C ASP D 125 20.88 -10.46 -20.36
N THR D 126 20.39 -11.48 -21.07
CA THR D 126 20.80 -12.88 -20.87
C THR D 126 21.96 -13.24 -21.79
N ASP D 127 22.50 -14.45 -21.61
CA ASP D 127 23.72 -14.84 -22.29
C ASP D 127 23.44 -15.72 -23.50
N LEU D 128 23.67 -15.15 -24.67
CA LEU D 128 23.42 -15.82 -25.93
C LEU D 128 24.32 -17.03 -26.17
N ASP D 129 25.52 -17.01 -25.60
CA ASP D 129 26.48 -18.10 -25.77
C ASP D 129 26.00 -19.42 -25.20
N SER D 130 25.08 -19.37 -24.24
CA SER D 130 24.57 -20.61 -23.67
C SER D 130 23.63 -21.33 -24.65
N ALA D 131 23.16 -20.60 -25.67
CA ALA D 131 22.19 -21.15 -26.64
C ALA D 131 22.84 -21.49 -27.99
N LYS D 132 22.26 -22.46 -28.65
CA LYS D 132 22.67 -22.87 -29.98
C LYS D 132 22.15 -21.88 -31.00
N SER D 133 22.85 -21.76 -32.12
CA SER D 133 22.28 -21.09 -33.30
C SER D 133 21.30 -22.00 -34.05
N GLU D 134 20.15 -21.48 -34.43
CA GLU D 134 19.20 -22.27 -35.23
C GLU D 134 19.52 -22.25 -36.72
N SER D 135 20.45 -21.38 -37.11
CA SER D 135 20.78 -21.21 -38.50
C SER D 135 21.43 -22.47 -39.08
N GLN D 136 20.88 -22.97 -40.18
CA GLN D 136 21.43 -24.17 -40.78
C GLN D 136 22.43 -23.91 -41.90
N TYR D 137 23.47 -24.71 -41.89
CA TYR D 137 24.49 -24.66 -42.93
C TYR D 137 23.88 -25.11 -44.27
N LEU D 138 23.85 -24.22 -45.25
CA LEU D 138 23.36 -24.58 -46.57
C LEU D 138 24.49 -24.58 -47.56
N GLU D 139 24.75 -25.73 -48.15
CA GLU D 139 25.66 -25.77 -49.27
C GLU D 139 24.90 -25.25 -50.48
N GLY D 140 25.62 -24.92 -51.54
CA GLY D 140 25.00 -24.32 -52.72
C GLY D 140 23.82 -25.11 -53.22
N PHE D 141 23.98 -26.41 -53.29
CA PHE D 141 22.93 -27.30 -53.75
C PHE D 141 21.65 -27.22 -52.91
N ASP D 142 21.83 -27.17 -51.60
CA ASP D 142 20.72 -27.06 -50.67
C ASP D 142 19.93 -25.79 -50.93
N PHE D 143 20.64 -24.68 -51.13
CA PHE D 143 19.97 -23.40 -51.38
C PHE D 143 19.26 -23.44 -52.72
N LEU D 144 19.83 -24.14 -53.69
CA LEU D 144 19.20 -24.22 -55.01
C LEU D 144 17.95 -25.06 -54.86
N GLU D 145 17.98 -26.08 -54.00
CA GLU D 145 16.77 -26.85 -53.70
C GLU D 145 15.68 -25.94 -53.10
N LEU D 146 16.06 -25.10 -52.13
CA LEU D 146 15.10 -24.20 -51.51
C LEU D 146 14.41 -23.34 -52.55
N ILE D 147 15.19 -22.89 -53.52
CA ILE D 147 14.70 -21.92 -54.46
C ILE D 147 13.93 -22.62 -55.61
N ALA D 148 14.12 -23.92 -55.75
CA ALA D 148 13.31 -24.69 -56.68
C ALA D 148 11.90 -24.88 -56.12
N GLY D 149 11.71 -24.51 -54.86
CA GLY D 149 10.39 -24.52 -54.27
C GLY D 149 10.17 -25.68 -53.32
N LYS D 150 11.25 -26.34 -52.93
CA LYS D 150 11.15 -27.51 -52.07
C LYS D 150 11.18 -27.09 -50.60
N ALA D 151 11.35 -25.79 -50.36
CA ALA D 151 11.18 -25.27 -49.01
C ALA D 151 9.73 -25.48 -48.59
N THR D 152 9.53 -26.01 -47.40
CA THR D 152 8.17 -26.18 -46.86
C THR D 152 7.85 -25.14 -45.79
N ARG D 153 8.88 -24.41 -45.39
CA ARG D 153 8.71 -23.26 -44.51
C ARG D 153 9.54 -22.12 -45.15
N PRO D 154 9.18 -20.86 -44.85
CA PRO D 154 10.09 -19.83 -45.35
C PRO D 154 11.50 -19.97 -44.73
N HIS D 155 12.48 -19.51 -45.51
CA HIS D 155 13.88 -19.56 -45.13
C HIS D 155 14.51 -18.17 -45.25
N LEU D 156 14.84 -17.57 -44.11
CA LEU D 156 15.67 -16.38 -44.14
C LEU D 156 17.11 -16.87 -44.25
N VAL D 157 17.81 -16.45 -45.29
CA VAL D 157 19.15 -16.98 -45.49
C VAL D 157 20.21 -15.87 -45.50
N SER D 158 21.31 -16.13 -44.82
CA SER D 158 22.40 -15.16 -44.78
C SER D 158 23.58 -15.60 -45.65
N PHE D 159 24.23 -14.63 -46.28
CA PHE D 159 25.34 -14.90 -47.19
C PHE D 159 26.58 -14.20 -46.71
N TRP D 160 27.68 -14.93 -46.64
CA TRP D 160 28.88 -14.44 -45.95
C TRP D 160 30.13 -14.54 -46.81
N PRO D 161 31.05 -13.57 -46.65
CA PRO D 161 32.31 -13.66 -47.38
C PRO D 161 33.25 -14.61 -46.68
N THR D 162 32.97 -15.91 -46.79
CA THR D 162 33.81 -16.88 -46.10
C THR D 162 33.63 -18.30 -46.67
N LYS D 163 34.50 -19.22 -46.28
CA LYS D 163 34.39 -20.59 -46.72
C LYS D 163 34.38 -21.53 -45.51
N ASP D 164 34.58 -20.94 -44.33
CA ASP D 164 34.82 -21.68 -43.10
C ASP D 164 33.66 -21.71 -42.10
N MET D 165 32.48 -21.26 -42.51
CA MET D 165 31.37 -21.23 -41.57
C MET D 165 30.55 -22.52 -41.57
N LYS D 166 30.65 -23.34 -40.53
CA LYS D 166 29.75 -24.49 -40.45
C LYS D 166 28.56 -24.13 -39.57
N ASN D 167 28.85 -23.62 -38.39
CA ASN D 167 27.83 -22.97 -37.57
C ASN D 167 27.94 -21.48 -37.65
N SER D 168 26.81 -20.78 -37.59
CA SER D 168 26.81 -19.34 -37.82
C SER D 168 27.57 -18.58 -36.74
N ASP D 169 27.79 -19.20 -35.57
CA ASP D 169 28.48 -18.55 -34.48
C ASP D 169 29.87 -19.13 -34.23
N ASP D 170 30.42 -19.81 -35.23
CA ASP D 170 31.82 -20.29 -35.17
C ASP D 170 32.76 -19.11 -35.00
N SER D 171 33.94 -19.34 -34.41
CA SER D 171 34.97 -18.30 -34.31
C SER D 171 35.71 -18.13 -35.62
N LEU D 172 35.55 -16.96 -36.24
CA LEU D 172 36.04 -16.75 -37.59
C LEU D 172 36.66 -15.39 -37.77
N GLU D 173 37.64 -15.32 -38.67
CA GLU D 173 38.21 -14.06 -39.05
C GLU D 173 37.74 -13.71 -40.46
N PHE D 174 36.94 -12.65 -40.53
CA PHE D 174 36.40 -12.19 -41.80
C PHE D 174 37.30 -11.13 -42.41
N LYS D 175 37.66 -11.30 -43.67
CA LYS D 175 38.48 -10.31 -44.36
C LYS D 175 37.64 -9.21 -45.00
N ASN D 176 38.08 -7.96 -44.85
CA ASN D 176 37.41 -6.80 -45.44
C ASN D 176 35.92 -6.76 -45.16
N CYS D 177 35.54 -7.12 -43.93
CA CYS D 177 34.16 -7.08 -43.54
C CYS D 177 34.08 -6.67 -42.08
N ASP D 178 34.08 -5.36 -41.86
CA ASP D 178 34.11 -4.75 -40.53
C ASP D 178 32.94 -5.19 -39.65
N LYS D 179 31.79 -5.42 -40.27
CA LYS D 179 30.57 -5.73 -39.54
C LYS D 179 30.27 -7.21 -39.31
N CYS D 180 31.02 -8.10 -39.96
CA CYS D 180 30.67 -9.53 -39.96
C CYS D 180 30.57 -10.14 -38.55
N HIS D 181 31.53 -9.84 -37.68
CA HIS D 181 31.56 -10.32 -36.31
C HIS D 181 30.28 -9.97 -35.56
N GLU D 182 29.95 -8.67 -35.60
CA GLU D 182 28.71 -8.17 -35.00
C GLU D 182 27.47 -8.87 -35.50
N PHE D 183 27.39 -9.05 -36.82
CA PHE D 183 26.22 -9.61 -37.45
C PHE D 183 26.06 -11.10 -37.14
N GLN D 184 27.14 -11.74 -36.68
CA GLN D 184 27.03 -13.13 -36.20
C GLN D 184 26.13 -13.17 -34.97
N ARG D 185 26.28 -12.17 -34.12
CA ARG D 185 25.41 -12.06 -32.96
C ARG D 185 24.00 -11.76 -33.45
N THR D 186 23.88 -10.79 -34.34
CA THR D 186 22.57 -10.42 -34.88
C THR D 186 21.90 -11.62 -35.55
N TRP D 187 22.65 -12.34 -36.38
CA TRP D 187 22.11 -13.48 -37.13
C TRP D 187 21.69 -14.61 -36.19
N LYS D 188 22.45 -14.80 -35.11
CA LYS D 188 22.10 -15.82 -34.13
C LYS D 188 20.74 -15.52 -33.47
N ILE D 189 20.53 -14.25 -33.16
CA ILE D 189 19.32 -13.79 -32.48
C ILE D 189 18.15 -13.93 -33.41
N ILE D 190 18.37 -13.50 -34.65
CA ILE D 190 17.40 -13.69 -35.71
C ILE D 190 17.00 -15.17 -35.81
N SER D 191 17.97 -16.07 -35.75
CA SER D 191 17.66 -17.47 -35.93
C SER D 191 16.75 -18.02 -34.81
N ARG D 192 17.00 -17.59 -33.57
CA ARG D 192 16.24 -18.15 -32.45
C ARG D 192 14.85 -17.54 -32.39
N GLN D 193 14.76 -16.25 -32.68
CA GLN D 193 13.48 -15.56 -32.72
C GLN D 193 12.60 -16.09 -33.88
N LEU D 194 13.19 -16.39 -35.04
CA LEU D 194 12.39 -16.87 -36.16
C LEU D 194 11.98 -18.31 -35.90
N ALA D 195 12.75 -19.00 -35.09
CA ALA D 195 12.43 -20.37 -34.71
C ALA D 195 11.10 -20.43 -33.95
N VAL D 196 10.73 -19.34 -33.26
CA VAL D 196 9.43 -19.27 -32.58
C VAL D 196 8.29 -19.37 -33.59
N ASP D 197 8.50 -18.75 -34.75
CA ASP D 197 7.49 -18.73 -35.79
C ASP D 197 7.63 -19.82 -36.84
N ASP D 198 8.49 -20.80 -36.60
CA ASP D 198 8.70 -21.91 -37.54
C ASP D 198 9.13 -21.39 -38.94
N ILE D 199 9.92 -20.33 -38.91
CA ILE D 199 10.63 -19.87 -40.09
C ILE D 199 12.08 -20.33 -39.97
N ASN D 200 12.60 -21.00 -41.00
CA ASN D 200 13.97 -21.46 -40.94
C ASN D 200 14.98 -20.33 -41.22
N THR D 201 16.21 -20.49 -40.73
CA THR D 201 17.31 -19.64 -41.15
C THR D 201 18.42 -20.52 -41.66
N GLY D 202 19.23 -19.97 -42.57
CA GLY D 202 20.34 -20.71 -43.14
C GLY D 202 21.47 -19.77 -43.38
N HIS D 203 22.69 -20.31 -43.52
CA HIS D 203 23.83 -19.49 -43.87
C HIS D 203 24.64 -20.10 -45.00
N VAL D 204 25.16 -19.22 -45.87
CA VAL D 204 25.92 -19.68 -47.04
C VAL D 204 27.33 -19.10 -47.11
N ASN D 205 28.29 -19.98 -47.40
CA ASN D 205 29.67 -19.58 -47.64
C ASN D 205 29.91 -19.16 -49.10
N CYS D 206 29.85 -17.85 -49.38
CA CYS D 206 29.99 -17.35 -50.76
C CYS D 206 31.35 -17.63 -51.40
N GLU D 207 32.37 -17.79 -50.57
CA GLU D 207 33.64 -18.21 -51.09
C GLU D 207 33.58 -19.65 -51.61
N SER D 208 32.74 -20.48 -51.00
CA SER D 208 32.59 -21.85 -51.47
C SER D 208 31.55 -22.01 -52.57
N ASN D 209 30.76 -20.97 -52.81
CA ASN D 209 29.65 -21.03 -53.77
C ASN D 209 29.66 -19.84 -54.70
N PRO D 210 30.77 -19.63 -55.43
CA PRO D 210 30.92 -18.35 -56.13
C PRO D 210 29.81 -18.06 -57.16
N THR D 211 29.41 -19.02 -58.00
CA THR D 211 28.43 -18.74 -59.07
C THR D 211 27.05 -18.38 -58.55
N ILE D 212 26.54 -19.13 -57.58
CA ILE D 212 25.25 -18.85 -56.96
C ILE D 212 25.26 -17.44 -56.37
N CYS D 213 26.32 -17.14 -55.63
CA CYS D 213 26.45 -15.83 -54.99
C CYS D 213 26.70 -14.69 -55.98
N GLU D 214 27.41 -14.96 -57.06
CA GLU D 214 27.60 -13.92 -58.06
C GLU D 214 26.26 -13.63 -58.71
N GLU D 215 25.56 -14.70 -59.07
CA GLU D 215 24.28 -14.59 -59.77
C GLU D 215 23.17 -13.93 -58.96
N LEU D 216 23.20 -14.09 -57.64
CA LEU D 216 22.16 -13.48 -56.81
C LEU D 216 22.39 -12.01 -56.53
N GLY D 217 23.55 -11.51 -56.92
CA GLY D 217 23.97 -10.15 -56.62
C GLY D 217 24.78 -9.99 -55.33
N PHE D 218 25.34 -11.10 -54.85
CA PHE D 218 26.22 -11.05 -53.69
C PHE D 218 27.66 -11.39 -54.12
N GLY D 219 27.97 -11.11 -55.39
CA GLY D 219 29.27 -11.45 -55.95
C GLY D 219 30.42 -10.78 -55.22
N ASP D 220 30.09 -9.69 -54.53
CA ASP D 220 31.08 -8.91 -53.81
C ASP D 220 31.61 -9.66 -52.58
N LEU D 221 30.85 -10.66 -52.13
CA LEU D 221 31.24 -11.48 -51.01
C LEU D 221 32.11 -12.64 -51.40
N VAL D 222 32.24 -12.86 -52.70
CA VAL D 222 32.88 -14.07 -53.23
C VAL D 222 34.41 -14.09 -53.11
N LYS D 223 35.06 -12.95 -53.32
CA LYS D 223 36.53 -12.92 -53.37
C LYS D 223 37.08 -11.59 -52.80
N ILE D 224 38.30 -11.62 -52.27
CA ILE D 224 38.98 -10.38 -51.88
C ILE D 224 39.25 -9.47 -53.08
N THR D 225 38.82 -8.21 -52.97
CA THR D 225 39.15 -7.18 -53.95
C THR D 225 39.50 -5.86 -53.24
N ASN D 226 40.38 -5.06 -53.83
CA ASN D 226 40.75 -3.78 -53.20
C ASN D 226 39.91 -2.61 -53.74
N HIS D 227 38.84 -2.94 -54.49
CA HIS D 227 37.92 -1.94 -55.02
C HIS D 227 37.04 -1.35 -53.92
N ARG D 228 36.49 -2.26 -53.11
CA ARG D 228 35.61 -1.93 -51.98
C ARG D 228 36.36 -1.90 -50.66
N ALA D 229 36.22 -0.82 -49.91
CA ALA D 229 36.84 -0.75 -48.60
C ALA D 229 36.26 -1.86 -47.74
N ASP D 230 34.96 -2.09 -47.89
CA ASP D 230 34.24 -2.94 -46.95
C ASP D 230 33.06 -3.68 -47.58
N ARG D 231 32.78 -4.85 -47.04
CA ARG D 231 31.67 -5.68 -47.50
C ARG D 231 30.81 -6.00 -46.29
N GLU D 232 29.57 -6.37 -46.55
CA GLU D 232 28.69 -6.79 -45.46
C GLU D 232 27.97 -8.06 -45.86
N PRO D 233 27.57 -8.85 -44.86
CA PRO D 233 26.80 -10.04 -45.19
C PRO D 233 25.46 -9.61 -45.73
N LYS D 234 24.90 -10.40 -46.65
CA LYS D 234 23.63 -10.06 -47.26
C LYS D 234 22.52 -11.01 -46.78
N VAL D 235 21.28 -10.56 -46.83
CA VAL D 235 20.15 -11.37 -46.39
C VAL D 235 19.05 -11.49 -47.46
N ALA D 236 18.52 -12.70 -47.66
CA ALA D 236 17.41 -12.88 -48.59
C ALA D 236 16.36 -13.84 -48.05
N LEU D 237 15.10 -13.63 -48.44
CA LEU D 237 14.00 -14.50 -48.01
C LEU D 237 13.56 -15.48 -49.09
N VAL D 238 13.42 -16.74 -48.73
CA VAL D 238 12.90 -17.73 -49.66
C VAL D 238 11.50 -18.11 -49.24
N LEU D 239 10.53 -17.90 -50.14
CA LEU D 239 9.14 -18.24 -49.86
C LEU D 239 8.94 -19.70 -50.11
N PRO D 240 8.14 -20.37 -49.26
CA PRO D 240 7.92 -21.82 -49.37
C PRO D 240 6.95 -22.25 -50.47
N ASN D 241 7.23 -23.41 -51.05
CA ASN D 241 6.33 -24.03 -52.00
C ASN D 241 5.98 -23.15 -53.23
N LYS D 242 6.84 -22.17 -53.56
CA LYS D 242 6.70 -21.40 -54.80
C LYS D 242 7.85 -21.73 -55.72
N THR D 243 7.59 -21.82 -57.01
CA THR D 243 8.65 -22.18 -57.93
C THR D 243 9.33 -20.98 -58.61
N SER D 244 8.77 -19.79 -58.45
CA SER D 244 9.31 -18.59 -59.08
C SER D 244 8.91 -17.36 -58.26
N ASN D 245 9.64 -16.27 -58.41
CA ASN D 245 9.46 -15.05 -57.61
C ASN D 245 9.36 -15.39 -56.14
N ASN D 246 10.29 -16.23 -55.69
CA ASN D 246 10.27 -16.75 -54.33
C ASN D 246 11.50 -16.24 -53.56
N LEU D 247 12.26 -15.35 -54.19
CA LEU D 247 13.51 -14.86 -53.62
C LEU D 247 13.44 -13.36 -53.43
N PHE D 248 13.59 -12.90 -52.18
CA PHE D 248 13.48 -11.48 -51.83
C PHE D 248 14.61 -10.94 -50.97
N ASP D 249 15.34 -9.99 -51.52
CA ASP D 249 16.40 -9.32 -50.79
C ASP D 249 15.86 -8.54 -49.60
N TYR D 250 16.57 -8.59 -48.49
CA TYR D 250 16.24 -7.71 -47.38
C TYR D 250 16.37 -6.28 -47.90
N PRO D 251 15.26 -5.53 -47.85
CA PRO D 251 15.10 -4.23 -48.52
C PRO D 251 15.75 -3.06 -47.80
N ASN D 252 15.78 -3.07 -46.48
CA ASN D 252 16.34 -1.97 -45.72
C ASN D 252 17.83 -2.08 -45.55
N GLY D 253 18.39 -1.13 -44.81
CA GLY D 253 19.83 -1.07 -44.62
C GLY D 253 20.29 -2.04 -43.56
N TYR D 254 21.60 -2.10 -43.39
CA TYR D 254 22.22 -2.88 -42.33
C TYR D 254 21.67 -2.46 -40.98
N SER D 255 21.53 -3.42 -40.08
CA SER D 255 21.27 -3.09 -38.68
C SER D 255 21.96 -4.12 -37.81
N ALA D 256 22.42 -3.67 -36.64
CA ALA D 256 22.92 -4.57 -35.62
C ALA D 256 21.74 -5.13 -34.83
N LYS D 257 20.59 -4.51 -35.01
CA LYS D 257 19.35 -4.94 -34.36
C LYS D 257 18.65 -5.99 -35.21
N SER D 258 18.08 -6.99 -34.54
CA SER D 258 17.47 -8.12 -35.23
C SER D 258 16.08 -7.82 -35.74
N ASP D 259 15.47 -6.75 -35.22
CA ASP D 259 14.03 -6.58 -35.33
C ASP D 259 13.55 -6.47 -36.80
N GLY D 260 14.21 -5.63 -37.59
CA GLY D 260 13.88 -5.47 -38.99
C GLY D 260 13.97 -6.77 -39.79
N TYR D 261 15.02 -7.55 -39.53
CA TYR D 261 15.19 -8.81 -40.24
C TYR D 261 14.08 -9.80 -39.91
N VAL D 262 13.68 -9.84 -38.64
CA VAL D 262 12.61 -10.74 -38.21
C VAL D 262 11.31 -10.36 -38.89
N ASP D 263 10.98 -9.06 -38.88
CA ASP D 263 9.72 -8.57 -39.47
C ASP D 263 9.63 -8.76 -40.97
N PHE D 264 10.74 -8.58 -41.68
CA PHE D 264 10.76 -8.82 -43.13
C PHE D 264 10.49 -10.31 -43.42
N ALA D 265 11.15 -11.19 -42.67
CA ALA D 265 11.02 -12.63 -42.86
C ALA D 265 9.61 -13.10 -42.56
N ARG D 266 8.87 -12.27 -41.84
CA ARG D 266 7.54 -12.63 -41.40
C ARG D 266 6.49 -11.99 -42.28
N ARG D 267 6.92 -11.17 -43.23
CA ARG D 267 5.97 -10.55 -44.14
C ARG D 267 5.38 -11.59 -45.09
N THR D 268 4.05 -11.58 -45.16
CA THR D 268 3.27 -12.39 -46.10
C THR D 268 3.28 -11.79 -47.51
N PHE D 269 3.58 -12.60 -48.51
CA PHE D 269 3.53 -12.13 -49.90
C PHE D 269 2.41 -12.86 -50.66
#